data_8SCZ
#
_entry.id   8SCZ
#
_cell.length_a   1.00
_cell.length_b   1.00
_cell.length_c   1.00
_cell.angle_alpha   90.00
_cell.angle_beta   90.00
_cell.angle_gamma   90.00
#
_symmetry.space_group_name_H-M   'P 1'
#
loop_
_entity.id
_entity.type
_entity.pdbx_description
1 polymer 'Antiviral innate immune response receptor RIG-I'
2 polymer p3SLR30
3 non-polymer 'ZINC ION'
#
loop_
_entity_poly.entity_id
_entity_poly.type
_entity_poly.pdbx_seq_one_letter_code
_entity_poly.pdbx_strand_id
1 'polypeptide(L)'
;MTTEQRRSLQAFQDYIRKTLDPTYILSYMAPWFREEEVQYIQAEKNNKGPMEAATLFLKFLLELQEEGWFRGFLDALDHA
GYSGLYEAIESWDFKKIEKLEEYRLLLKRLQPEFKTRIIPTDIISDLSECLINQECEEILQICSTKGMMAGAEKLVECLL
RSDKENWPKTLKLALEKERNKFSELWIVGSGSGSGSGSGSGSFKPRNYQLELALPAMKGKNTIICAPTGCGKTFVSLLIC
EHHLKKFPQGQKGKVVFFANQIPVYEQQKSVFSKYFERHGYRVTGISGATAENVPVEQIVENNDIIILTPQILVNNLKKG
TIPSLSIFTLMIFDECHNTSKQHPYNMIMFNYLDQKLGGSSGPLPQVIGLTASVGVGDAKNTDEALDYICKLCASLDASV
IATVKHNLEELEQVVYKPQKFFRKVESRISDKFKYIIAQLMRDTESLAKRICKDLENLSQIQNREFGTQKYEQWIVTVQK
ACMVFQMPDKDEESRICKALFLYTSHLRKYNDALIISEHARMKDALDYLKDFFSNVRAAGFDEIEQDLTQRFEEKLQELE
SVSRDPSNENPKLEDLCFILQEEYHLNPETITILFVKTRALVDALKNWIEGNPKLSFLKPGILTGRGKTNQNTGMTLPAQ
KCILDAFKASGDHNILIATSVADEGIDIAQCNLVILYEYVGNVIKMIQTRGRGRARGSKCFLLTSNAGVIEKEQINMYKE
KMMNDSILRLQTWDEAVFREKILHIQTHEKFIRDSQEKPKPVPDKENKKLLCRKCKALACYTADVRVIEECHYTVLGDAF
KECFVSRPHPKPKQFSSFEKRAKIFCARQNCSHDWGIHVKYKTFEIPVIKIESFVVEDIATGVQTLYSKWKDFHFEKIPF
DPAEMSK
;
A
2 'polyribonucleotide' (GTP)GAUCGAUCGAUCGAUCGGCAUCGAUCGGCUUCGGCCGAUCGAUGCCGAUCGAUCGAUCGAUCC B
#
loop_
_chem_comp.id
_chem_comp.type
_chem_comp.name
_chem_comp.formula
A RNA linking ADENOSINE-5'-MONOPHOSPHATE 'C10 H14 N5 O7 P'
C RNA linking CYTIDINE-5'-MONOPHOSPHATE 'C9 H14 N3 O8 P'
G RNA linking GUANOSINE-5'-MONOPHOSPHATE 'C10 H14 N5 O8 P'
GTP non-polymer GUANOSINE-5'-TRIPHOSPHATE 'C10 H16 N5 O14 P3'
U RNA linking URIDINE-5'-MONOPHOSPHATE 'C9 H13 N2 O9 P'
ZN non-polymer 'ZINC ION' 'Zn 2'
#
# COMPACT_ATOMS: atom_id res chain seq x y z
N LYS A 204 -18.33 19.89 22.05
CA LYS A 204 -19.69 19.81 22.59
C LYS A 204 -20.63 19.17 21.57
N PRO A 205 -21.49 18.26 22.04
CA PRO A 205 -22.41 17.57 21.11
C PRO A 205 -23.51 18.50 20.63
N ARG A 206 -23.60 18.67 19.31
CA ARG A 206 -24.62 19.49 18.69
C ARG A 206 -25.73 18.60 18.15
N ASN A 207 -26.71 19.22 17.47
CA ASN A 207 -27.83 18.48 16.94
C ASN A 207 -27.45 17.64 15.73
N TYR A 208 -26.40 18.04 15.01
CA TYR A 208 -25.93 17.29 13.85
C TYR A 208 -25.32 15.95 14.26
N GLN A 209 -24.47 15.96 15.29
CA GLN A 209 -23.89 14.71 15.79
C GLN A 209 -24.93 13.80 16.40
N LEU A 210 -25.93 14.37 17.10
CA LEU A 210 -27.00 13.56 17.66
C LEU A 210 -27.90 12.98 16.57
N GLU A 211 -28.13 13.74 15.49
CA GLU A 211 -28.91 13.20 14.39
C GLU A 211 -28.16 12.10 13.65
N LEU A 212 -26.84 12.18 13.59
CA LEU A 212 -26.06 11.08 13.03
C LEU A 212 -25.98 9.89 13.98
N ALA A 213 -26.03 10.14 15.30
CA ALA A 213 -25.87 9.10 16.31
C ALA A 213 -27.18 8.51 16.78
N LEU A 214 -28.31 9.00 16.27
CA LEU A 214 -29.63 8.48 16.67
C LEU A 214 -29.87 6.98 16.41
N PRO A 215 -29.63 6.39 15.21
CA PRO A 215 -30.07 5.01 15.01
C PRO A 215 -29.25 3.96 15.75
N ALA A 216 -28.06 4.30 16.25
CA ALA A 216 -27.31 3.35 17.05
C ALA A 216 -27.70 3.40 18.52
N MET A 217 -28.50 4.38 18.94
CA MET A 217 -29.03 4.39 20.30
C MET A 217 -30.07 3.29 20.48
N LYS A 218 -30.79 2.94 19.42
CA LYS A 218 -31.85 1.94 19.54
C LYS A 218 -31.27 0.53 19.68
N GLY A 219 -30.19 0.24 18.96
CA GLY A 219 -29.56 -1.07 19.06
C GLY A 219 -29.44 -1.79 17.74
N LYS A 220 -29.44 -1.07 16.63
CA LYS A 220 -29.22 -1.65 15.31
C LYS A 220 -27.93 -1.12 14.72
N ASN A 221 -27.27 -1.98 13.95
CA ASN A 221 -25.96 -1.65 13.40
C ASN A 221 -26.08 -0.61 12.29
N THR A 222 -25.05 0.24 12.17
CA THR A 222 -25.09 1.38 11.27
C THR A 222 -23.78 1.50 10.49
N ILE A 223 -23.87 2.19 9.34
CA ILE A 223 -22.75 2.47 8.42
C ILE A 223 -22.63 3.98 8.26
N ILE A 224 -22.68 4.73 9.38
CA ILE A 224 -22.80 6.20 9.39
C ILE A 224 -21.76 6.92 8.54
N CYS A 225 -22.11 8.12 8.07
CA CYS A 225 -21.28 8.86 7.13
C CYS A 225 -21.19 10.32 7.57
N ALA A 226 -20.02 10.72 8.05
CA ALA A 226 -19.73 12.11 8.38
C ALA A 226 -18.50 12.55 7.61
N PRO A 227 -18.54 13.69 6.91
CA PRO A 227 -17.43 14.08 6.04
C PRO A 227 -16.19 14.58 6.77
N THR A 228 -16.27 14.81 8.08
CA THR A 228 -15.14 15.27 8.86
C THR A 228 -14.58 14.12 9.69
N GLY A 229 -13.49 14.39 10.41
CA GLY A 229 -12.88 13.40 11.26
C GLY A 229 -13.22 13.62 12.74
N CYS A 230 -13.20 14.89 13.16
CA CYS A 230 -13.55 15.23 14.54
C CYS A 230 -15.02 14.95 14.83
N GLY A 231 -15.89 15.16 13.84
CA GLY A 231 -17.29 14.80 14.01
C GLY A 231 -17.50 13.31 14.13
N LYS A 232 -16.77 12.51 13.35
CA LYS A 232 -16.82 11.06 13.46
C LYS A 232 -16.31 10.59 14.83
N THR A 233 -15.23 11.21 15.32
CA THR A 233 -14.71 10.88 16.63
C THR A 233 -15.70 11.23 17.74
N PHE A 234 -16.35 12.39 17.63
CA PHE A 234 -17.33 12.79 18.64
C PHE A 234 -18.56 11.91 18.62
N VAL A 235 -19.00 11.48 17.43
CA VAL A 235 -20.14 10.57 17.34
C VAL A 235 -19.80 9.21 17.94
N SER A 236 -18.59 8.71 17.66
CA SER A 236 -18.16 7.43 18.23
C SER A 236 -18.06 7.49 19.75
N LEU A 237 -17.56 8.61 20.28
CA LEU A 237 -17.51 8.79 21.73
C LEU A 237 -18.91 8.88 22.33
N LEU A 238 -19.84 9.52 21.62
CA LEU A 238 -21.24 9.59 22.09
C LEU A 238 -21.90 8.21 22.11
N ILE A 239 -21.63 7.39 21.09
CA ILE A 239 -22.17 6.04 21.06
C ILE A 239 -21.57 5.19 22.18
N CYS A 240 -20.27 5.38 22.46
CA CYS A 240 -19.65 4.70 23.59
C CYS A 240 -20.28 5.10 24.92
N GLU A 241 -20.55 6.40 25.10
CA GLU A 241 -21.16 6.89 26.34
C GLU A 241 -22.57 6.33 26.53
N HIS A 242 -23.40 6.42 25.49
CA HIS A 242 -24.79 5.95 25.61
C HIS A 242 -24.87 4.43 25.67
N HIS A 243 -23.95 3.73 25.01
CA HIS A 243 -23.98 2.27 25.01
C HIS A 243 -23.49 1.70 26.33
N LEU A 244 -22.46 2.30 26.93
CA LEU A 244 -22.01 1.79 28.22
C LEU A 244 -22.89 2.26 29.36
N LYS A 245 -23.54 3.42 29.22
CA LYS A 245 -24.40 3.91 30.29
C LYS A 245 -25.76 3.22 30.32
N LYS A 246 -26.12 2.50 29.26
CA LYS A 246 -27.42 1.82 29.22
C LYS A 246 -27.43 0.50 29.98
N PHE A 247 -26.27 -0.03 30.36
CA PHE A 247 -26.23 -1.30 31.07
C PHE A 247 -26.58 -1.09 32.53
N PRO A 248 -27.45 -1.91 33.11
CA PRO A 248 -27.77 -1.81 34.53
C PRO A 248 -26.66 -2.45 35.36
N GLN A 249 -26.87 -2.45 36.68
CA GLN A 249 -25.90 -3.00 37.60
C GLN A 249 -25.85 -4.52 37.52
N GLY A 250 -24.65 -5.07 37.59
CA GLY A 250 -24.42 -6.50 37.47
C GLY A 250 -23.85 -6.94 36.15
N GLN A 251 -23.91 -6.09 35.12
CA GLN A 251 -23.35 -6.40 33.81
C GLN A 251 -22.42 -5.27 33.39
N LYS A 252 -21.50 -5.60 32.48
CA LYS A 252 -20.55 -4.64 31.95
C LYS A 252 -20.40 -4.83 30.46
N GLY A 253 -20.18 -3.73 29.75
CA GLY A 253 -19.97 -3.75 28.32
C GLY A 253 -18.51 -3.77 27.95
N LYS A 254 -18.22 -4.19 26.71
CA LYS A 254 -16.87 -4.39 26.22
C LYS A 254 -16.73 -3.76 24.82
N VAL A 255 -17.09 -2.49 24.71
CA VAL A 255 -17.02 -1.77 23.43
C VAL A 255 -15.60 -1.70 22.90
N VAL A 256 -15.38 -2.23 21.70
CA VAL A 256 -14.05 -2.32 21.10
C VAL A 256 -14.01 -1.39 19.90
N PHE A 257 -12.93 -0.60 19.82
CA PHE A 257 -12.68 0.29 18.71
C PHE A 257 -11.55 -0.28 17.86
N PHE A 258 -11.67 -0.16 16.54
CA PHE A 258 -10.65 -0.63 15.62
C PHE A 258 -10.10 0.54 14.83
N ALA A 259 -8.77 0.60 14.73
CA ALA A 259 -8.08 1.64 13.98
C ALA A 259 -7.08 0.98 13.04
N ASN A 260 -7.13 1.37 11.76
CA ASN A 260 -6.34 0.68 10.74
C ASN A 260 -4.87 1.01 10.83
N GLN A 261 -4.52 2.28 11.08
CA GLN A 261 -3.15 2.73 11.05
C GLN A 261 -2.70 3.17 12.44
N ILE A 262 -1.39 3.24 12.62
CA ILE A 262 -0.78 3.65 13.90
C ILE A 262 -1.09 5.10 14.29
N PRO A 263 -0.96 6.14 13.42
CA PRO A 263 -1.26 7.50 13.92
C PRO A 263 -2.71 7.75 14.28
N VAL A 264 -3.66 7.18 13.54
CA VAL A 264 -5.06 7.30 13.91
C VAL A 264 -5.34 6.48 15.18
N TYR A 265 -4.61 5.37 15.37
CA TYR A 265 -4.70 4.62 16.63
C TYR A 265 -4.23 5.45 17.81
N GLU A 266 -3.12 6.18 17.65
CA GLU A 266 -2.60 6.99 18.74
C GLU A 266 -3.52 8.17 19.04
N GLN A 267 -4.07 8.80 17.99
CA GLN A 267 -5.03 9.88 18.18
C GLN A 267 -6.30 9.39 18.87
N GLN A 268 -6.81 8.23 18.45
CA GLN A 268 -8.01 7.68 19.06
C GLN A 268 -7.75 7.22 20.48
N LYS A 269 -6.57 6.66 20.76
CA LYS A 269 -6.23 6.26 22.12
C LYS A 269 -6.11 7.47 23.04
N SER A 270 -5.51 8.57 22.55
CA SER A 270 -5.43 9.79 23.33
C SER A 270 -6.81 10.39 23.61
N VAL A 271 -7.69 10.40 22.60
CA VAL A 271 -9.04 10.93 22.78
C VAL A 271 -9.86 10.07 23.74
N PHE A 272 -9.77 8.74 23.58
CA PHE A 272 -10.51 7.82 24.43
C PHE A 272 -9.99 7.82 25.86
N SER A 273 -8.70 8.08 26.05
CA SER A 273 -8.18 8.25 27.40
C SER A 273 -8.55 9.60 28.00
N LYS A 274 -8.65 10.64 27.17
CA LYS A 274 -8.98 11.96 27.69
C LYS A 274 -10.43 12.07 28.10
N TYR A 275 -11.36 11.54 27.29
CA TYR A 275 -12.77 11.72 27.61
C TYR A 275 -13.22 10.79 28.73
N PHE A 276 -12.72 9.56 28.77
CA PHE A 276 -13.14 8.58 29.76
C PHE A 276 -12.32 8.75 31.04
N GLU A 277 -12.62 9.82 31.77
CA GLU A 277 -11.94 10.12 33.03
C GLU A 277 -12.94 10.34 34.16
N ARG A 278 -14.11 10.88 33.84
CA ARG A 278 -15.12 11.21 34.83
C ARG A 278 -16.23 10.17 34.90
N HIS A 279 -16.11 9.07 34.16
CA HIS A 279 -17.14 8.04 34.10
C HIS A 279 -16.73 6.75 34.77
N GLY A 280 -15.52 6.66 35.29
CA GLY A 280 -15.02 5.43 35.89
C GLY A 280 -14.80 4.32 34.88
N TYR A 281 -14.32 4.65 33.69
CA TYR A 281 -14.13 3.69 32.61
C TYR A 281 -12.66 3.63 32.24
N ARG A 282 -12.13 2.42 32.17
CA ARG A 282 -10.72 2.20 31.86
C ARG A 282 -10.52 2.01 30.37
N VAL A 283 -9.39 2.49 29.87
CA VAL A 283 -9.12 2.57 28.43
C VAL A 283 -7.71 2.05 28.17
N THR A 284 -7.56 1.11 27.23
CA THR A 284 -6.25 0.72 26.74
C THR A 284 -6.31 0.53 25.24
N GLY A 285 -5.13 0.49 24.63
CA GLY A 285 -5.02 0.21 23.20
C GLY A 285 -3.77 -0.58 22.93
N ILE A 286 -3.90 -1.56 22.03
CA ILE A 286 -2.82 -2.47 21.72
C ILE A 286 -2.35 -2.21 20.29
N SER A 287 -1.05 -2.35 20.06
CA SER A 287 -0.48 -2.18 18.73
C SER A 287 0.71 -3.12 18.59
N GLY A 288 1.53 -2.88 17.55
CA GLY A 288 2.64 -3.77 17.26
C GLY A 288 3.74 -3.77 18.29
N ALA A 289 4.08 -2.59 18.82
CA ALA A 289 5.07 -2.47 19.89
C ALA A 289 4.50 -2.82 21.25
N THR A 290 3.19 -3.01 21.35
CA THR A 290 2.52 -3.34 22.60
C THR A 290 2.09 -4.81 22.60
N ALA A 291 2.22 -5.49 21.45
CA ALA A 291 1.63 -6.81 21.24
C ALA A 291 2.24 -7.90 22.12
N GLU A 292 3.56 -7.87 22.33
CA GLU A 292 4.17 -8.96 23.08
C GLU A 292 3.97 -8.77 24.59
N ASN A 293 4.63 -7.74 25.15
CA ASN A 293 4.46 -7.11 26.47
C ASN A 293 3.83 -7.97 27.58
N VAL A 294 2.51 -7.97 27.61
CA VAL A 294 1.70 -8.78 28.52
C VAL A 294 0.75 -9.58 27.63
N PRO A 295 0.27 -10.78 28.05
CA PRO A 295 -0.64 -11.55 27.17
C PRO A 295 -2.00 -10.89 27.00
N VAL A 296 -2.56 -11.00 25.80
CA VAL A 296 -3.69 -10.18 25.37
C VAL A 296 -5.01 -10.57 26.07
N GLU A 297 -5.11 -11.81 26.56
CA GLU A 297 -6.33 -12.25 27.23
C GLU A 297 -6.51 -11.54 28.56
N GLN A 298 -5.41 -11.26 29.27
CA GLN A 298 -5.50 -10.50 30.51
C GLN A 298 -5.83 -9.04 30.25
N ILE A 299 -5.42 -8.49 29.11
CA ILE A 299 -5.79 -7.12 28.79
C ILE A 299 -7.27 -7.03 28.42
N VAL A 300 -7.76 -7.99 27.65
CA VAL A 300 -9.16 -7.96 27.22
C VAL A 300 -10.10 -8.26 28.39
N GLU A 301 -9.76 -9.27 29.20
CA GLU A 301 -10.65 -9.68 30.28
C GLU A 301 -10.67 -8.70 31.45
N ASN A 302 -9.68 -7.82 31.54
CA ASN A 302 -9.63 -6.83 32.62
C ASN A 302 -9.80 -5.40 32.11
N ASN A 303 -10.41 -5.23 30.92
CA ASN A 303 -10.70 -3.90 30.40
C ASN A 303 -11.89 -3.97 29.45
N ASP A 304 -12.45 -2.80 29.17
CA ASP A 304 -13.68 -2.68 28.39
C ASP A 304 -13.49 -2.00 27.05
N ILE A 305 -12.77 -0.89 27.07
CA ILE A 305 -12.58 -0.05 25.89
C ILE A 305 -11.29 -0.28 25.14
N ILE A 306 -11.09 -1.51 24.72
CA ILE A 306 -9.89 -1.83 23.95
C ILE A 306 -9.95 -1.16 22.58
N ILE A 307 -8.85 -0.50 22.18
CA ILE A 307 -8.75 0.28 20.95
C ILE A 307 -7.73 -0.41 20.04
N LEU A 308 -7.71 -1.73 20.06
CA LEU A 308 -6.69 -2.49 19.32
C LEU A 308 -6.83 -2.33 17.81
N THR A 309 -5.68 -2.37 17.12
CA THR A 309 -5.66 -2.48 15.68
C THR A 309 -6.15 -3.87 15.26
N PRO A 310 -6.84 -3.98 14.11
CA PRO A 310 -7.57 -5.22 13.81
C PRO A 310 -6.69 -6.44 13.50
N GLN A 311 -5.44 -6.25 13.09
CA GLN A 311 -4.58 -7.40 12.77
C GLN A 311 -4.24 -8.19 14.02
N ILE A 312 -4.17 -7.53 15.18
CA ILE A 312 -3.99 -8.22 16.45
C ILE A 312 -5.16 -9.14 16.75
N LEU A 313 -6.39 -8.66 16.53
CA LEU A 313 -7.56 -9.50 16.76
C LEU A 313 -7.67 -10.61 15.74
N VAL A 314 -7.25 -10.37 14.50
CA VAL A 314 -7.23 -11.42 13.49
C VAL A 314 -6.25 -12.53 13.88
N ASN A 315 -5.06 -12.14 14.36
CA ASN A 315 -4.08 -13.12 14.81
C ASN A 315 -4.55 -13.85 16.07
N ASN A 316 -5.27 -13.16 16.95
CA ASN A 316 -5.79 -13.78 18.17
C ASN A 316 -6.85 -14.82 17.84
N LEU A 317 -7.85 -14.45 17.02
CA LEU A 317 -8.89 -15.39 16.61
C LEU A 317 -8.35 -16.50 15.72
N LYS A 318 -7.21 -16.29 15.04
CA LYS A 318 -6.56 -17.39 14.35
C LYS A 318 -5.82 -18.31 15.32
N LYS A 319 -5.28 -17.76 16.42
CA LYS A 319 -4.46 -18.57 17.32
C LYS A 319 -5.33 -19.46 18.20
N GLY A 320 -6.34 -18.89 18.86
CA GLY A 320 -7.15 -19.64 19.80
C GLY A 320 -7.56 -18.82 21.00
N THR A 321 -6.80 -17.76 21.28
CA THR A 321 -7.23 -16.77 22.25
C THR A 321 -8.41 -16.00 21.69
N ILE A 322 -9.18 -15.37 22.58
CA ILE A 322 -10.48 -14.73 22.31
C ILE A 322 -11.37 -15.78 21.67
N PRO A 323 -11.93 -16.71 22.46
CA PRO A 323 -12.62 -17.87 21.88
C PRO A 323 -13.88 -17.52 21.09
N SER A 324 -14.47 -16.35 21.33
CA SER A 324 -15.63 -15.91 20.56
C SER A 324 -15.62 -14.39 20.51
N LEU A 325 -16.34 -13.85 19.53
CA LEU A 325 -16.50 -12.41 19.42
C LEU A 325 -17.63 -11.87 20.29
N SER A 326 -18.31 -12.74 21.04
CA SER A 326 -19.41 -12.34 21.90
C SER A 326 -18.96 -11.75 23.22
N ILE A 327 -17.65 -11.72 23.50
CA ILE A 327 -17.16 -10.99 24.66
C ILE A 327 -17.39 -9.49 24.49
N PHE A 328 -17.15 -8.98 23.29
CA PHE A 328 -17.44 -7.59 22.99
C PHE A 328 -18.94 -7.37 22.84
N THR A 329 -19.39 -6.17 23.19
CA THR A 329 -20.81 -5.84 23.18
C THR A 329 -21.13 -4.73 22.19
N LEU A 330 -20.14 -3.91 21.82
CA LEU A 330 -20.24 -3.00 20.70
C LEU A 330 -18.92 -3.02 19.94
N MET A 331 -19.00 -3.00 18.61
CA MET A 331 -17.81 -2.93 17.77
C MET A 331 -17.91 -1.70 16.87
N ILE A 332 -16.86 -0.88 16.88
CA ILE A 332 -16.80 0.33 16.07
C ILE A 332 -15.65 0.20 15.09
N PHE A 333 -15.91 0.60 13.85
CA PHE A 333 -14.94 0.43 12.75
C PHE A 333 -14.63 1.82 12.20
N ASP A 334 -13.43 2.31 12.51
CA ASP A 334 -12.97 3.59 11.99
C ASP A 334 -12.58 3.37 10.53
N GLU A 335 -13.01 4.30 9.67
CA GLU A 335 -12.75 4.22 8.22
C GLU A 335 -13.34 2.92 7.66
N CYS A 336 -14.67 2.80 7.80
CA CYS A 336 -15.35 1.50 7.73
C CYS A 336 -15.66 1.03 6.31
N HIS A 337 -15.38 1.83 5.28
CA HIS A 337 -15.59 1.35 3.93
C HIS A 337 -14.45 0.47 3.41
N ASN A 338 -13.42 0.26 4.23
CA ASN A 338 -12.35 -0.69 3.91
C ASN A 338 -12.80 -2.14 4.02
N THR A 339 -13.97 -2.39 4.61
CA THR A 339 -14.50 -3.75 4.75
C THR A 339 -15.03 -4.25 3.41
N SER A 340 -14.12 -4.56 2.48
CA SER A 340 -14.50 -4.97 1.14
C SER A 340 -14.08 -6.39 0.81
N LYS A 341 -12.80 -6.71 0.91
CA LYS A 341 -12.31 -8.04 0.53
C LYS A 341 -11.01 -8.30 1.28
N GLN A 342 -10.98 -9.37 2.07
CA GLN A 342 -9.80 -9.90 2.77
C GLN A 342 -9.13 -8.91 3.71
N HIS A 343 -9.81 -7.82 4.08
CA HIS A 343 -9.27 -6.84 5.00
C HIS A 343 -9.29 -7.41 6.41
N PRO A 344 -8.46 -6.90 7.31
CA PRO A 344 -8.59 -7.27 8.74
C PRO A 344 -9.96 -6.95 9.33
N TYR A 345 -10.57 -5.83 8.92
CA TYR A 345 -11.96 -5.56 9.25
C TYR A 345 -12.86 -6.63 8.66
N ASN A 346 -12.60 -7.01 7.42
CA ASN A 346 -13.40 -8.05 6.79
C ASN A 346 -13.10 -9.41 7.40
N MET A 347 -11.88 -9.64 7.91
CA MET A 347 -11.61 -10.92 8.58
C MET A 347 -12.37 -11.01 9.90
N ILE A 348 -12.47 -9.90 10.63
CA ILE A 348 -13.31 -9.84 11.83
C ILE A 348 -14.77 -10.07 11.48
N MET A 349 -15.23 -9.49 10.36
CA MET A 349 -16.63 -9.65 9.98
C MET A 349 -16.95 -11.05 9.48
N PHE A 350 -16.03 -11.69 8.77
CA PHE A 350 -16.16 -13.11 8.43
C PHE A 350 -16.22 -13.99 9.67
N ASN A 351 -15.42 -13.67 10.70
CA ASN A 351 -15.51 -14.40 11.96
C ASN A 351 -16.87 -14.20 12.64
N TYR A 352 -17.39 -12.97 12.62
CA TYR A 352 -18.69 -12.68 13.20
C TYR A 352 -19.81 -13.38 12.43
N LEU A 353 -19.73 -13.41 11.10
CA LEU A 353 -20.76 -14.06 10.31
C LEU A 353 -20.73 -15.58 10.46
N ASP A 354 -19.54 -16.16 10.60
CA ASP A 354 -19.46 -17.58 10.90
C ASP A 354 -19.95 -17.90 12.30
N GLN A 355 -19.80 -16.96 13.24
CA GLN A 355 -20.35 -17.14 14.58
C GLN A 355 -21.87 -16.98 14.61
N LYS A 356 -22.41 -16.06 13.79
CA LYS A 356 -23.82 -15.75 13.81
C LYS A 356 -24.64 -16.77 13.03
N LEU A 357 -24.28 -16.99 11.76
CA LEU A 357 -25.06 -17.85 10.89
C LEU A 357 -24.82 -19.34 11.17
N GLY A 358 -23.84 -19.68 11.99
CA GLY A 358 -23.59 -21.07 12.35
C GLY A 358 -24.54 -21.65 13.37
N GLY A 359 -25.37 -20.82 14.01
CA GLY A 359 -26.35 -21.28 14.96
C GLY A 359 -25.92 -21.19 16.42
N SER A 360 -24.68 -20.80 16.70
CA SER A 360 -24.17 -20.70 18.06
C SER A 360 -24.00 -19.23 18.47
N SER A 361 -24.92 -18.38 18.04
CA SER A 361 -24.85 -16.95 18.35
C SER A 361 -25.25 -16.71 19.80
N GLY A 362 -24.44 -15.93 20.50
CA GLY A 362 -24.74 -15.53 21.86
C GLY A 362 -25.03 -14.05 21.95
N PRO A 363 -24.45 -13.37 22.94
CA PRO A 363 -24.59 -11.91 23.02
C PRO A 363 -23.76 -11.22 21.95
N LEU A 364 -24.29 -11.14 20.73
CA LEU A 364 -23.55 -10.59 19.61
C LEU A 364 -23.39 -9.08 19.75
N PRO A 365 -22.24 -8.53 19.38
CA PRO A 365 -22.04 -7.08 19.50
C PRO A 365 -22.68 -6.29 18.38
N GLN A 366 -23.00 -5.04 18.68
CA GLN A 366 -23.45 -4.11 17.65
C GLN A 366 -22.26 -3.70 16.78
N VAL A 367 -22.52 -3.53 15.49
CA VAL A 367 -21.47 -3.50 14.47
C VAL A 367 -21.53 -2.15 13.77
N ILE A 368 -21.64 -1.07 14.55
CA ILE A 368 -21.67 0.27 13.94
C ILE A 368 -20.36 0.55 13.19
N GLY A 369 -20.44 1.52 12.29
CA GLY A 369 -19.29 1.89 11.48
C GLY A 369 -18.97 3.36 11.55
N LEU A 370 -17.98 3.79 10.76
CA LEU A 370 -17.53 5.18 10.76
C LEU A 370 -16.83 5.40 9.42
N THR A 371 -17.36 6.30 8.60
CA THR A 371 -16.70 6.62 7.34
C THR A 371 -17.09 8.02 6.89
N ALA A 372 -16.44 8.47 5.82
CA ALA A 372 -16.80 9.70 5.14
C ALA A 372 -17.32 9.48 3.74
N SER A 373 -17.19 8.27 3.20
CA SER A 373 -17.70 7.94 1.87
C SER A 373 -18.02 6.46 1.82
N VAL A 374 -19.20 6.14 1.29
CA VAL A 374 -19.61 4.73 1.15
C VAL A 374 -18.79 4.06 0.06
N GLY A 375 -18.54 4.76 -1.03
CA GLY A 375 -17.83 4.19 -2.16
C GLY A 375 -18.77 3.61 -3.21
N VAL A 376 -18.28 3.54 -4.43
CA VAL A 376 -19.04 3.03 -5.57
C VAL A 376 -18.41 1.76 -6.13
N GLY A 377 -17.10 1.78 -6.36
CA GLY A 377 -16.42 0.60 -6.84
C GLY A 377 -16.54 0.46 -8.34
N ASP A 378 -16.89 -0.73 -8.80
CA ASP A 378 -17.01 -1.05 -10.23
C ASP A 378 -18.45 -0.93 -10.73
N ALA A 379 -19.21 0.02 -10.18
CA ALA A 379 -20.61 0.18 -10.53
C ALA A 379 -20.78 1.29 -11.56
N LYS A 380 -21.52 0.99 -12.62
CA LYS A 380 -21.80 1.95 -13.68
C LYS A 380 -23.24 2.45 -13.68
N ASN A 381 -24.19 1.61 -13.30
CA ASN A 381 -25.59 1.97 -13.24
C ASN A 381 -26.04 2.08 -11.78
N THR A 382 -27.24 2.64 -11.59
CA THR A 382 -27.74 2.90 -10.23
C THR A 382 -28.11 1.60 -9.53
N ASP A 383 -28.55 0.59 -10.28
CA ASP A 383 -28.79 -0.72 -9.70
C ASP A 383 -27.48 -1.36 -9.23
N GLU A 384 -26.39 -1.15 -9.97
CA GLU A 384 -25.09 -1.68 -9.56
C GLU A 384 -24.55 -0.95 -8.33
N ALA A 385 -24.77 0.37 -8.24
CA ALA A 385 -24.36 1.11 -7.05
C ALA A 385 -25.19 0.70 -5.83
N LEU A 386 -26.49 0.47 -6.03
CA LEU A 386 -27.34 -0.04 -4.96
C LEU A 386 -26.90 -1.43 -4.53
N ASP A 387 -26.51 -2.27 -5.48
CA ASP A 387 -26.00 -3.61 -5.18
C ASP A 387 -24.70 -3.54 -4.39
N TYR A 388 -23.81 -2.62 -4.75
CA TYR A 388 -22.53 -2.49 -4.03
C TYR A 388 -22.74 -1.97 -2.61
N ILE A 389 -23.62 -0.98 -2.44
CA ILE A 389 -23.88 -0.45 -1.10
C ILE A 389 -24.59 -1.49 -0.24
N CYS A 390 -25.51 -2.26 -0.83
CA CYS A 390 -26.15 -3.35 -0.10
C CYS A 390 -25.16 -4.46 0.22
N LYS A 391 -24.18 -4.71 -0.66
CA LYS A 391 -23.14 -5.71 -0.38
C LYS A 391 -22.25 -5.27 0.77
N LEU A 392 -21.90 -3.98 0.82
CA LEU A 392 -21.15 -3.44 1.96
C LEU A 392 -21.95 -3.53 3.25
N CYS A 393 -23.25 -3.19 3.18
CA CYS A 393 -24.11 -3.23 4.36
C CYS A 393 -24.36 -4.65 4.83
N ALA A 394 -24.30 -5.64 3.94
CA ALA A 394 -24.48 -7.02 4.35
C ALA A 394 -23.18 -7.63 4.85
N SER A 395 -22.05 -7.24 4.27
CA SER A 395 -20.76 -7.74 4.75
C SER A 395 -20.40 -7.15 6.10
N LEU A 396 -20.79 -5.91 6.36
CA LEU A 396 -20.61 -5.31 7.68
C LEU A 396 -21.85 -5.52 8.55
N ASP A 397 -22.90 -6.15 8.00
CA ASP A 397 -24.09 -6.65 8.71
C ASP A 397 -24.82 -5.51 9.43
N ALA A 398 -25.42 -4.64 8.62
CA ALA A 398 -26.21 -3.54 9.15
C ALA A 398 -27.41 -3.26 8.27
N SER A 399 -28.46 -2.71 8.88
CA SER A 399 -29.68 -2.36 8.18
C SER A 399 -29.96 -0.87 8.15
N VAL A 400 -29.09 -0.04 8.72
CA VAL A 400 -29.27 1.40 8.75
C VAL A 400 -28.05 2.06 8.12
N ILE A 401 -28.28 3.07 7.29
CA ILE A 401 -27.24 3.96 6.80
C ILE A 401 -27.56 5.36 7.32
N ALA A 402 -26.80 5.83 8.29
CA ALA A 402 -27.06 7.12 8.90
C ALA A 402 -26.31 8.21 8.15
N THR A 403 -27.05 9.21 7.67
CA THR A 403 -26.46 10.38 7.03
C THR A 403 -27.32 11.58 7.33
N VAL A 404 -26.79 12.77 7.02
CA VAL A 404 -27.48 14.01 7.36
C VAL A 404 -28.61 14.24 6.37
N LYS A 405 -29.83 14.35 6.91
CA LYS A 405 -31.01 14.62 6.09
C LYS A 405 -31.77 15.87 6.49
N HIS A 406 -31.59 16.39 7.69
CA HIS A 406 -32.31 17.57 8.15
C HIS A 406 -31.39 18.76 8.43
N ASN A 407 -30.30 18.53 9.16
CA ASN A 407 -29.41 19.62 9.56
C ASN A 407 -28.26 19.79 8.57
N LEU A 408 -28.64 19.98 7.30
CA LEU A 408 -27.67 20.16 6.23
C LEU A 408 -27.07 21.56 6.20
N GLU A 409 -27.64 22.51 6.94
CA GLU A 409 -27.14 23.89 6.90
C GLU A 409 -25.84 24.03 7.66
N GLU A 410 -25.72 23.38 8.82
CA GLU A 410 -24.49 23.45 9.61
C GLU A 410 -23.51 22.34 9.26
N LEU A 411 -23.87 21.44 8.35
CA LEU A 411 -22.91 20.42 7.90
C LEU A 411 -21.81 21.05 7.06
N GLU A 412 -22.17 21.94 6.15
CA GLU A 412 -21.26 22.47 5.13
C GLU A 412 -20.28 23.51 5.66
N GLN A 413 -20.24 23.76 6.97
CA GLN A 413 -19.28 24.68 7.55
C GLN A 413 -17.89 24.08 7.71
N VAL A 414 -17.75 22.76 7.51
CA VAL A 414 -16.47 22.08 7.70
C VAL A 414 -16.20 21.19 6.50
N VAL A 415 -17.17 21.07 5.59
CA VAL A 415 -17.02 20.27 4.38
C VAL A 415 -16.02 20.95 3.44
N TYR A 416 -15.12 20.15 2.87
CA TYR A 416 -14.02 20.67 2.05
C TYR A 416 -14.52 21.34 0.77
N LYS A 417 -15.46 20.69 0.07
CA LYS A 417 -16.13 21.17 -1.16
C LYS A 417 -15.16 21.62 -2.24
N PRO A 418 -14.51 20.68 -2.95
CA PRO A 418 -13.47 21.06 -3.90
C PRO A 418 -14.03 21.74 -5.14
N GLN A 419 -13.15 22.46 -5.83
CA GLN A 419 -13.47 23.19 -7.05
C GLN A 419 -12.56 22.67 -8.16
N LYS A 420 -13.08 21.74 -8.96
CA LYS A 420 -12.26 21.05 -9.94
C LYS A 420 -11.97 21.95 -11.14
N PHE A 421 -10.70 22.01 -11.54
CA PHE A 421 -10.20 22.96 -12.52
C PHE A 421 -9.24 22.30 -13.50
N PHE A 422 -9.71 21.21 -14.15
CA PHE A 422 -8.86 20.37 -15.00
C PHE A 422 -8.25 21.15 -16.15
N ARG A 423 -6.96 20.91 -16.41
CA ARG A 423 -6.21 21.58 -17.47
C ARG A 423 -5.52 20.53 -18.33
N LYS A 424 -6.15 20.13 -19.43
CA LYS A 424 -5.54 19.21 -20.38
C LYS A 424 -4.55 19.99 -21.24
N VAL A 425 -3.26 19.77 -21.01
CA VAL A 425 -2.19 20.53 -21.64
C VAL A 425 -1.21 19.54 -22.27
N GLU A 426 -0.81 19.82 -23.51
CA GLU A 426 -0.04 18.91 -24.33
C GLU A 426 1.39 18.73 -23.80
N SER A 427 2.05 17.68 -24.29
CA SER A 427 3.37 17.30 -23.85
C SER A 427 4.45 18.01 -24.68
N ARG A 428 5.69 17.55 -24.54
CA ARG A 428 6.82 18.16 -25.23
C ARG A 428 6.82 17.80 -26.72
N ILE A 429 7.51 18.62 -27.50
CA ILE A 429 7.69 18.41 -28.92
C ILE A 429 9.15 18.11 -29.26
N SER A 430 10.08 18.95 -28.79
CA SER A 430 11.50 18.78 -29.06
C SER A 430 12.08 17.78 -28.06
N ASP A 431 12.02 16.50 -28.42
CA ASP A 431 12.46 15.42 -27.55
C ASP A 431 13.87 14.95 -27.94
N LYS A 432 14.86 15.80 -27.69
CA LYS A 432 16.24 15.43 -27.97
C LYS A 432 16.78 14.45 -26.92
N PHE A 433 16.46 14.69 -25.64
CA PHE A 433 16.87 13.76 -24.59
C PHE A 433 16.22 12.40 -24.76
N LYS A 434 14.94 12.39 -25.13
CA LYS A 434 14.26 11.13 -25.43
C LYS A 434 14.88 10.44 -26.64
N TYR A 435 15.35 11.21 -27.62
CA TYR A 435 16.02 10.62 -28.79
C TYR A 435 17.35 9.98 -28.40
N ILE A 436 18.15 10.68 -27.58
CA ILE A 436 19.47 10.17 -27.20
C ILE A 436 19.33 8.95 -26.30
N ILE A 437 18.47 9.03 -25.28
CA ILE A 437 18.32 7.88 -24.39
C ILE A 437 17.53 6.76 -25.05
N ALA A 438 16.71 7.07 -26.05
CA ALA A 438 16.04 6.01 -26.81
C ALA A 438 17.03 5.27 -27.70
N GLN A 439 18.00 5.99 -28.27
CA GLN A 439 19.12 5.33 -28.94
C GLN A 439 19.95 4.52 -27.95
N LEU A 440 20.06 5.00 -26.71
CA LEU A 440 20.77 4.26 -25.67
C LEU A 440 20.06 2.96 -25.32
N MET A 441 18.72 2.98 -25.19
CA MET A 441 18.01 1.71 -25.03
C MET A 441 18.10 0.84 -26.27
N ARG A 442 18.13 1.45 -27.46
CA ARG A 442 18.15 0.67 -28.70
C ARG A 442 19.45 -0.10 -28.85
N ASP A 443 20.60 0.56 -28.66
CA ASP A 443 21.84 -0.20 -28.78
C ASP A 443 22.15 -1.01 -27.52
N THR A 444 21.61 -0.63 -26.34
CA THR A 444 21.75 -1.47 -25.16
C THR A 444 20.98 -2.78 -25.32
N GLU A 445 19.76 -2.72 -25.87
CA GLU A 445 19.00 -3.92 -26.16
C GLU A 445 19.61 -4.71 -27.31
N SER A 446 20.19 -4.02 -28.31
CA SER A 446 20.85 -4.71 -29.42
C SER A 446 22.08 -5.48 -28.95
N LEU A 447 22.89 -4.88 -28.08
CA LEU A 447 24.02 -5.59 -27.50
C LEU A 447 23.57 -6.59 -26.43
N ALA A 448 22.36 -6.44 -25.89
CA ALA A 448 21.80 -7.42 -24.98
C ALA A 448 21.30 -8.65 -25.71
N LYS A 449 21.10 -8.56 -27.02
CA LYS A 449 20.70 -9.70 -27.83
C LYS A 449 21.89 -10.51 -28.34
N ARG A 450 23.12 -10.13 -27.97
CA ARG A 450 24.29 -10.94 -28.31
C ARG A 450 24.39 -12.17 -27.43
N ILE A 451 23.70 -12.20 -26.29
CA ILE A 451 23.72 -13.35 -25.40
C ILE A 451 22.41 -14.13 -25.41
N CYS A 452 21.30 -13.52 -25.85
CA CYS A 452 20.05 -14.24 -26.05
C CYS A 452 19.54 -13.94 -27.45
N LYS A 453 19.28 -14.98 -28.23
CA LYS A 453 18.74 -14.79 -29.57
C LYS A 453 17.22 -14.78 -29.60
N ASP A 454 16.56 -14.89 -28.44
CA ASP A 454 15.11 -14.92 -28.38
C ASP A 454 14.58 -14.01 -27.27
N LEU A 455 15.11 -12.78 -27.19
CA LEU A 455 14.62 -11.82 -26.21
C LEU A 455 13.20 -11.38 -26.53
N GLU A 456 12.87 -11.27 -27.82
CA GLU A 456 11.52 -10.92 -28.23
C GLU A 456 10.52 -12.03 -27.95
N ASN A 457 10.98 -13.29 -27.90
CA ASN A 457 10.12 -14.42 -27.61
C ASN A 457 9.92 -14.65 -26.11
N LEU A 458 10.69 -13.96 -25.26
CA LEU A 458 10.53 -14.13 -23.82
C LEU A 458 9.26 -13.46 -23.33
N SER A 459 8.96 -12.28 -23.84
CA SER A 459 7.81 -11.51 -23.41
C SER A 459 6.71 -11.54 -24.47
N GLN A 460 5.56 -10.95 -24.15
CA GLN A 460 4.46 -10.91 -25.12
C GLN A 460 3.77 -9.54 -25.16
N ILE A 461 4.25 -8.56 -24.42
CA ILE A 461 3.62 -7.25 -24.35
C ILE A 461 4.21 -6.42 -25.49
N GLN A 462 3.39 -6.18 -26.51
CA GLN A 462 3.83 -5.41 -27.66
C GLN A 462 3.52 -3.92 -27.45
N ASN A 463 3.82 -3.12 -28.49
CA ASN A 463 3.74 -1.65 -28.47
C ASN A 463 4.55 -1.06 -27.33
N ARG A 464 5.80 -1.53 -27.19
CA ARG A 464 6.66 -1.13 -26.08
C ARG A 464 7.36 0.20 -26.33
N GLU A 465 6.58 1.28 -26.47
CA GLU A 465 7.19 2.58 -26.66
C GLU A 465 7.86 3.05 -25.37
N PHE A 466 8.95 3.79 -25.54
CA PHE A 466 9.78 4.19 -24.40
C PHE A 466 9.11 5.30 -23.60
N GLY A 467 9.44 5.34 -22.32
CA GLY A 467 8.91 6.36 -21.42
C GLY A 467 7.52 6.10 -20.90
N THR A 468 7.02 4.87 -21.02
CA THR A 468 5.68 4.53 -20.56
C THR A 468 5.75 3.38 -19.56
N GLN A 469 4.64 3.20 -18.82
CA GLN A 469 4.53 2.09 -17.87
C GLN A 469 4.48 0.74 -18.58
N LYS A 470 4.03 0.71 -19.83
CA LYS A 470 4.02 -0.53 -20.60
C LYS A 470 5.43 -1.04 -20.87
N TYR A 471 6.38 -0.12 -21.10
CA TYR A 471 7.78 -0.53 -21.28
C TYR A 471 8.36 -1.08 -19.99
N GLU A 472 7.97 -0.50 -18.84
CA GLU A 472 8.42 -1.02 -17.54
C GLU A 472 7.84 -2.40 -17.28
N GLN A 473 6.59 -2.62 -17.67
CA GLN A 473 5.99 -3.95 -17.56
C GLN A 473 6.69 -4.96 -18.46
N TRP A 474 7.04 -4.55 -19.68
CA TRP A 474 7.80 -5.42 -20.57
C TRP A 474 9.18 -5.75 -20.01
N ILE A 475 9.81 -4.75 -19.38
CA ILE A 475 11.13 -4.94 -18.80
C ILE A 475 11.08 -5.92 -17.63
N VAL A 476 10.07 -5.78 -16.77
CA VAL A 476 9.90 -6.67 -15.63
C VAL A 476 9.56 -8.08 -16.10
N THR A 477 8.70 -8.19 -17.13
CA THR A 477 8.34 -9.51 -17.65
C THR A 477 9.52 -10.21 -18.33
N VAL A 478 10.36 -9.46 -19.05
CA VAL A 478 11.50 -10.11 -19.69
C VAL A 478 12.59 -10.42 -18.66
N GLN A 479 12.65 -9.67 -17.55
CA GLN A 479 13.56 -10.02 -16.47
C GLN A 479 13.13 -11.30 -15.77
N LYS A 480 11.84 -11.42 -15.46
CA LYS A 480 11.34 -12.65 -14.86
C LYS A 480 11.33 -13.81 -15.83
N ALA A 481 11.35 -13.54 -17.14
CA ALA A 481 11.47 -14.61 -18.13
C ALA A 481 12.91 -15.10 -18.25
N CYS A 482 13.89 -14.19 -18.19
CA CYS A 482 15.29 -14.63 -18.26
C CYS A 482 15.75 -15.26 -16.96
N MET A 483 15.07 -14.95 -15.85
CA MET A 483 15.54 -15.34 -14.53
C MET A 483 15.41 -16.84 -14.26
N VAL A 484 14.75 -17.58 -15.16
CA VAL A 484 14.58 -19.02 -15.04
C VAL A 484 15.52 -19.76 -16.00
N PHE A 485 16.63 -19.12 -16.37
CA PHE A 485 17.61 -19.70 -17.29
C PHE A 485 18.24 -20.98 -16.72
N GLN A 486 18.28 -22.02 -17.55
CA GLN A 486 18.73 -23.36 -17.16
C GLN A 486 19.73 -23.91 -18.14
N MET A 487 20.72 -23.12 -18.54
CA MET A 487 21.78 -23.68 -19.38
C MET A 487 22.72 -24.51 -18.51
N PRO A 488 23.00 -25.76 -18.89
CA PRO A 488 23.63 -26.71 -17.96
C PRO A 488 25.14 -26.57 -17.80
N ASP A 489 25.75 -25.50 -18.31
CA ASP A 489 27.18 -25.33 -18.10
C ASP A 489 27.50 -24.90 -16.66
N LYS A 490 26.60 -24.13 -16.04
CA LYS A 490 26.57 -23.72 -14.64
C LYS A 490 27.73 -22.81 -14.22
N ASP A 491 28.62 -22.44 -15.13
CA ASP A 491 29.65 -21.45 -14.85
C ASP A 491 29.52 -20.21 -15.72
N GLU A 492 29.25 -20.39 -17.02
CA GLU A 492 28.90 -19.27 -17.88
C GLU A 492 27.47 -18.79 -17.64
N GLU A 493 26.64 -19.65 -17.04
CA GLU A 493 25.24 -19.31 -16.77
C GLU A 493 25.12 -18.16 -15.78
N SER A 494 25.94 -18.18 -14.73
CA SER A 494 26.00 -17.07 -13.80
C SER A 494 26.49 -15.80 -14.49
N ARG A 495 27.41 -15.94 -15.45
CA ARG A 495 27.93 -14.78 -16.16
C ARG A 495 26.88 -14.13 -17.05
N ILE A 496 26.13 -14.93 -17.82
CA ILE A 496 25.12 -14.33 -18.71
C ILE A 496 23.95 -13.80 -17.89
N CYS A 497 23.60 -14.47 -16.78
CA CYS A 497 22.54 -13.97 -15.90
C CYS A 497 22.93 -12.65 -15.24
N LYS A 498 24.18 -12.54 -14.75
CA LYS A 498 24.67 -11.30 -14.18
C LYS A 498 24.71 -10.18 -15.23
N ALA A 499 25.20 -10.52 -16.43
CA ALA A 499 25.34 -9.53 -17.49
C ALA A 499 23.97 -8.99 -17.93
N LEU A 500 23.04 -9.91 -18.14
CA LEU A 500 21.69 -9.55 -18.55
C LEU A 500 21.04 -8.72 -17.46
N PHE A 501 21.09 -9.21 -16.22
CA PHE A 501 20.51 -8.46 -15.12
C PHE A 501 21.03 -7.04 -15.08
N LEU A 502 22.33 -6.85 -15.34
CA LEU A 502 22.86 -5.49 -15.47
C LEU A 502 22.24 -4.76 -16.65
N TYR A 503 22.04 -5.48 -17.77
CA TYR A 503 21.39 -4.90 -18.94
C TYR A 503 19.95 -4.47 -18.64
N THR A 504 19.17 -5.33 -17.98
CA THR A 504 17.77 -5.02 -17.71
C THR A 504 17.59 -3.99 -16.61
N SER A 505 18.48 -3.97 -15.61
CA SER A 505 18.44 -2.89 -14.64
C SER A 505 18.84 -1.56 -15.27
N HIS A 506 19.79 -1.58 -16.19
CA HIS A 506 20.11 -0.37 -16.96
C HIS A 506 18.93 0.06 -17.82
N LEU A 507 18.24 -0.89 -18.44
CA LEU A 507 17.08 -0.58 -19.28
C LEU A 507 15.94 0.01 -18.46
N ARG A 508 15.66 -0.57 -17.29
CA ARG A 508 14.64 -0.03 -16.39
C ARG A 508 15.05 1.32 -15.86
N LYS A 509 16.33 1.54 -15.63
CA LYS A 509 16.79 2.83 -15.14
C LYS A 509 16.66 3.91 -16.21
N TYR A 510 16.94 3.54 -17.46
CA TYR A 510 16.74 4.44 -18.59
C TYR A 510 15.26 4.75 -18.82
N ASN A 511 14.40 3.74 -18.67
CA ASN A 511 12.96 3.96 -18.83
C ASN A 511 12.39 4.84 -17.73
N ASP A 512 12.86 4.63 -16.49
CA ASP A 512 12.49 5.53 -15.40
C ASP A 512 13.06 6.93 -15.61
N ALA A 513 14.22 7.03 -16.26
CA ALA A 513 14.77 8.35 -16.62
C ALA A 513 13.88 9.06 -17.61
N LEU A 514 13.35 8.37 -18.63
CA LEU A 514 12.43 9.09 -19.52
C LEU A 514 11.06 9.32 -18.92
N ILE A 515 10.60 8.47 -17.99
CA ILE A 515 9.35 8.78 -17.29
C ILE A 515 9.51 10.04 -16.45
N ILE A 516 10.67 10.16 -15.77
CA ILE A 516 10.98 11.39 -15.02
C ILE A 516 11.11 12.57 -15.98
N SER A 517 11.81 12.40 -17.11
CA SER A 517 12.01 13.50 -18.06
C SER A 517 10.71 13.92 -18.73
N GLU A 518 9.75 12.99 -18.86
CA GLU A 518 8.42 13.35 -19.32
C GLU A 518 7.67 14.14 -18.27
N HIS A 519 7.81 13.77 -16.99
CA HIS A 519 7.09 14.47 -15.94
C HIS A 519 7.91 15.62 -15.32
N ALA A 520 9.07 15.30 -14.74
CA ALA A 520 9.94 16.29 -14.15
C ALA A 520 10.95 16.77 -15.18
N ARG A 521 12.01 17.42 -14.71
CA ARG A 521 12.97 18.09 -15.57
C ARG A 521 13.87 17.09 -16.30
N MET A 522 14.53 17.57 -17.36
CA MET A 522 15.53 16.82 -18.10
C MET A 522 16.74 16.53 -17.21
N LYS A 523 17.18 17.56 -16.49
CA LYS A 523 18.34 17.47 -15.61
C LYS A 523 18.09 16.51 -14.46
N ASP A 524 16.83 16.39 -14.01
CA ASP A 524 16.49 15.44 -12.97
C ASP A 524 16.68 14.00 -13.44
N ALA A 525 16.33 13.71 -14.68
CA ALA A 525 16.66 12.42 -15.28
C ALA A 525 18.16 12.21 -15.37
N LEU A 526 18.90 13.28 -15.68
CA LEU A 526 20.36 13.18 -15.76
C LEU A 526 20.98 12.86 -14.40
N ASP A 527 20.55 13.54 -13.33
CA ASP A 527 21.09 13.22 -12.00
C ASP A 527 20.61 11.87 -11.50
N TYR A 528 19.41 11.44 -11.89
CA TYR A 528 18.93 10.11 -11.53
C TYR A 528 19.80 9.02 -12.16
N LEU A 529 20.14 9.19 -13.44
CA LEU A 529 21.02 8.23 -14.11
C LEU A 529 22.45 8.29 -13.56
N LYS A 530 22.95 9.49 -13.27
CA LYS A 530 24.30 9.62 -12.72
C LYS A 530 24.39 9.03 -11.32
N ASP A 531 23.34 9.21 -10.50
CA ASP A 531 23.31 8.61 -9.18
C ASP A 531 23.23 7.09 -9.25
N PHE A 532 22.46 6.55 -10.20
CA PHE A 532 22.43 5.10 -10.38
C PHE A 532 23.79 4.56 -10.80
N PHE A 533 24.47 5.25 -11.72
CA PHE A 533 25.77 4.78 -12.16
C PHE A 533 26.84 4.91 -11.08
N SER A 534 26.75 5.95 -10.25
CA SER A 534 27.67 6.10 -9.13
C SER A 534 27.44 5.02 -8.07
N ASN A 535 26.18 4.67 -7.80
CA ASN A 535 25.92 3.62 -6.83
C ASN A 535 26.23 2.23 -7.38
N VAL A 536 26.13 2.03 -8.69
CA VAL A 536 26.37 0.71 -9.26
C VAL A 536 27.83 0.51 -9.67
N ARG A 537 28.63 1.59 -9.70
CA ARG A 537 30.04 1.44 -10.03
C ARG A 537 30.80 0.74 -8.91
N ALA A 538 30.42 0.97 -7.65
CA ALA A 538 31.07 0.32 -6.53
C ALA A 538 30.67 -1.14 -6.37
N ALA A 539 29.52 -1.53 -6.92
CA ALA A 539 29.04 -2.90 -6.75
C ALA A 539 29.78 -3.89 -7.64
N GLY A 540 30.18 -3.48 -8.84
CA GLY A 540 30.86 -4.38 -9.75
C GLY A 540 31.86 -3.65 -10.62
N PHE A 541 32.85 -4.41 -11.08
CA PHE A 541 33.91 -3.87 -11.93
C PHE A 541 34.25 -4.81 -13.07
N ASP A 542 33.26 -5.54 -13.58
CA ASP A 542 33.49 -6.50 -14.65
C ASP A 542 33.47 -5.78 -16.00
N GLU A 543 33.54 -6.54 -17.08
CA GLU A 543 33.53 -5.96 -18.43
C GLU A 543 32.17 -5.37 -18.78
N ILE A 544 31.09 -5.98 -18.29
CA ILE A 544 29.73 -5.54 -18.59
C ILE A 544 29.45 -4.18 -17.96
N GLU A 545 29.77 -4.05 -16.66
CA GLU A 545 29.54 -2.79 -15.95
C GLU A 545 30.42 -1.68 -16.47
N GLN A 546 31.69 -1.98 -16.76
CA GLN A 546 32.60 -0.99 -17.32
C GLN A 546 32.18 -0.55 -18.72
N ASP A 547 31.68 -1.50 -19.52
CA ASP A 547 31.23 -1.19 -20.88
C ASP A 547 30.01 -0.28 -20.85
N LEU A 548 29.03 -0.59 -20.00
CA LEU A 548 27.83 0.24 -19.90
C LEU A 548 28.14 1.60 -19.30
N THR A 549 29.06 1.65 -18.33
CA THR A 549 29.42 2.92 -17.71
C THR A 549 30.19 3.82 -18.69
N GLN A 550 31.10 3.24 -19.47
CA GLN A 550 31.84 4.03 -20.46
C GLN A 550 30.94 4.45 -21.62
N ARG A 551 29.89 3.67 -21.91
CA ARG A 551 28.89 4.13 -22.86
C ARG A 551 28.09 5.30 -22.31
N PHE A 552 27.77 5.28 -21.01
CA PHE A 552 27.06 6.41 -20.43
C PHE A 552 27.91 7.68 -20.40
N GLU A 553 29.21 7.56 -20.11
CA GLU A 553 30.07 8.75 -20.19
C GLU A 553 30.36 9.17 -21.63
N GLU A 554 30.30 8.26 -22.60
CA GLU A 554 30.43 8.69 -23.99
C GLU A 554 29.16 9.38 -24.49
N LYS A 555 28.01 9.12 -23.87
CA LYS A 555 26.81 9.88 -24.17
C LYS A 555 26.65 11.13 -23.30
N LEU A 556 27.34 11.19 -22.16
CA LEU A 556 27.13 12.24 -21.17
C LEU A 556 27.56 13.61 -21.67
N GLN A 557 28.54 13.66 -22.59
CA GLN A 557 29.02 14.94 -23.11
C GLN A 557 27.94 15.68 -23.90
N GLU A 558 27.12 14.95 -24.65
CA GLU A 558 25.97 15.56 -25.29
C GLU A 558 24.73 15.58 -24.40
N LEU A 559 24.67 14.70 -23.39
CA LEU A 559 23.53 14.70 -22.48
C LEU A 559 23.52 15.94 -21.60
N GLU A 560 24.68 16.34 -21.09
CA GLU A 560 24.75 17.55 -20.26
C GLU A 560 24.56 18.81 -21.11
N SER A 561 24.89 18.75 -22.40
CA SER A 561 24.62 19.87 -23.28
C SER A 561 23.13 19.99 -23.58
N VAL A 562 22.44 18.85 -23.77
CA VAL A 562 21.01 18.87 -24.04
C VAL A 562 20.23 19.30 -22.80
N SER A 563 20.61 18.77 -21.62
CA SER A 563 19.87 19.05 -20.40
C SER A 563 20.05 20.49 -19.92
N ARG A 564 21.20 21.10 -20.19
CA ARG A 564 21.43 22.48 -19.79
C ARG A 564 20.81 23.50 -20.75
N ASP A 565 20.26 23.05 -21.87
CA ASP A 565 19.63 23.96 -22.83
C ASP A 565 18.30 24.45 -22.28
N PRO A 566 18.09 25.76 -22.13
CA PRO A 566 16.81 26.26 -21.61
C PRO A 566 15.68 26.30 -22.62
N SER A 567 15.88 25.81 -23.84
CA SER A 567 14.83 25.73 -24.85
C SER A 567 14.16 24.37 -24.87
N ASN A 568 14.51 23.47 -23.95
CA ASN A 568 13.94 22.12 -23.92
C ASN A 568 13.20 21.86 -22.62
N GLU A 569 12.64 22.91 -22.02
CA GLU A 569 11.90 22.75 -20.78
C GLU A 569 10.54 22.10 -21.04
N ASN A 570 10.09 21.29 -20.08
CA ASN A 570 8.79 20.64 -20.17
C ASN A 570 7.67 21.68 -20.10
N PRO A 571 6.68 21.62 -21.00
CA PRO A 571 5.55 22.55 -20.89
C PRO A 571 4.68 22.30 -19.67
N LYS A 572 4.60 21.04 -19.21
CA LYS A 572 3.83 20.73 -18.00
C LYS A 572 4.45 21.38 -16.78
N LEU A 573 5.77 21.39 -16.69
CA LEU A 573 6.43 22.11 -15.61
C LEU A 573 6.28 23.62 -15.78
N GLU A 574 6.20 24.10 -17.03
CA GLU A 574 6.02 25.53 -17.27
C GLU A 574 4.65 26.03 -16.81
N ASP A 575 3.57 25.34 -17.18
CA ASP A 575 2.29 25.86 -16.70
C ASP A 575 2.00 25.44 -15.27
N LEU A 576 2.68 24.41 -14.73
CA LEU A 576 2.60 24.18 -13.30
C LEU A 576 3.26 25.32 -12.53
N CYS A 577 4.40 25.81 -13.02
CA CYS A 577 5.03 27.00 -12.44
C CYS A 577 4.13 28.22 -12.60
N PHE A 578 3.43 28.32 -13.74
CA PHE A 578 2.53 29.44 -13.98
C PHE A 578 1.35 29.44 -13.02
N ILE A 579 0.71 28.28 -12.82
CA ILE A 579 -0.44 28.24 -11.92
C ILE A 579 0.00 28.35 -10.46
N LEU A 580 1.19 27.83 -10.11
CA LEU A 580 1.71 28.01 -8.76
C LEU A 580 2.04 29.48 -8.51
N GLN A 581 2.58 30.17 -9.52
CA GLN A 581 2.86 31.60 -9.41
C GLN A 581 1.58 32.40 -9.24
N GLU A 582 0.53 32.05 -9.99
CA GLU A 582 -0.69 32.84 -9.89
C GLU A 582 -1.47 32.57 -8.61
N GLU A 583 -1.44 31.34 -8.07
CA GLU A 583 -2.09 31.12 -6.78
C GLU A 583 -1.26 31.64 -5.60
N TYR A 584 0.07 31.67 -5.71
CA TYR A 584 0.84 32.31 -4.66
C TYR A 584 0.82 33.84 -4.78
N HIS A 585 0.51 34.37 -5.96
CA HIS A 585 0.28 35.81 -6.11
C HIS A 585 -1.10 36.21 -5.60
N LEU A 586 -2.10 35.34 -5.78
CA LEU A 586 -3.44 35.63 -5.27
C LEU A 586 -3.46 35.64 -3.75
N ASN A 587 -2.81 34.67 -3.12
CA ASN A 587 -2.72 34.60 -1.67
C ASN A 587 -1.31 34.13 -1.32
N PRO A 588 -0.60 34.83 -0.43
CA PRO A 588 0.76 34.43 -0.09
C PRO A 588 0.90 33.45 1.07
N GLU A 589 -0.18 32.76 1.44
CA GLU A 589 -0.16 31.78 2.51
C GLU A 589 -0.91 30.52 2.07
N THR A 590 -0.62 30.06 0.85
CA THR A 590 -1.25 28.87 0.29
C THR A 590 -0.34 27.67 0.50
N ILE A 591 -0.87 26.62 1.12
CA ILE A 591 -0.13 25.37 1.31
C ILE A 591 -0.57 24.42 0.21
N THR A 592 0.31 24.22 -0.76
CA THR A 592 0.01 23.43 -1.94
C THR A 592 0.43 21.98 -1.69
N ILE A 593 -0.50 21.05 -1.86
CA ILE A 593 -0.21 19.63 -1.84
C ILE A 593 -0.06 19.18 -3.28
N LEU A 594 0.98 18.40 -3.57
CA LEU A 594 1.30 17.98 -4.93
C LEU A 594 1.32 16.45 -4.95
N PHE A 595 0.46 15.87 -5.78
CA PHE A 595 0.34 14.41 -5.87
C PHE A 595 0.95 13.94 -7.18
N VAL A 596 2.00 13.13 -7.09
CA VAL A 596 2.65 12.55 -8.26
C VAL A 596 2.43 11.04 -8.22
N LYS A 597 2.94 10.34 -9.23
CA LYS A 597 2.69 8.90 -9.31
C LYS A 597 3.74 8.07 -8.57
N THR A 598 5.00 8.49 -8.57
CA THR A 598 6.07 7.67 -8.02
C THR A 598 6.98 8.51 -7.12
N ARG A 599 7.68 7.81 -6.22
CA ARG A 599 8.59 8.47 -5.30
C ARG A 599 9.86 8.95 -5.98
N ALA A 600 10.22 8.36 -7.13
CA ALA A 600 11.36 8.84 -7.90
C ALA A 600 11.13 10.25 -8.45
N LEU A 601 9.86 10.63 -8.65
CA LEU A 601 9.54 12.01 -8.97
C LEU A 601 9.49 12.90 -7.73
N VAL A 602 9.31 12.30 -6.54
CA VAL A 602 9.00 13.06 -5.33
C VAL A 602 10.16 13.97 -4.94
N ASP A 603 11.39 13.45 -4.99
CA ASP A 603 12.54 14.32 -4.85
C ASP A 603 12.80 15.11 -6.13
N ALA A 604 12.50 14.52 -7.30
CA ALA A 604 12.94 15.07 -8.58
C ALA A 604 12.26 16.40 -8.87
N LEU A 605 10.92 16.43 -8.75
CA LEU A 605 10.17 17.68 -8.81
C LEU A 605 10.66 18.65 -7.74
N LYS A 606 11.00 18.13 -6.56
CA LYS A 606 11.58 18.95 -5.50
C LYS A 606 12.89 19.58 -5.94
N ASN A 607 13.74 18.82 -6.64
CA ASN A 607 14.96 19.40 -7.19
C ASN A 607 14.64 20.42 -8.26
N TRP A 608 13.57 20.20 -9.04
CA TRP A 608 13.10 21.23 -9.97
C TRP A 608 12.59 22.43 -9.20
N ILE A 609 11.96 22.18 -8.04
CA ILE A 609 11.59 23.27 -7.13
C ILE A 609 12.85 23.93 -6.60
N GLU A 610 13.91 23.17 -6.39
CA GLU A 610 15.20 23.73 -6.04
C GLU A 610 16.03 24.13 -7.25
N GLY A 611 15.48 23.98 -8.46
CA GLY A 611 16.24 24.32 -9.65
C GLY A 611 15.69 25.48 -10.45
N ASN A 612 14.37 25.65 -10.46
CA ASN A 612 13.75 26.69 -11.27
C ASN A 612 13.95 28.05 -10.61
N PRO A 613 14.50 29.04 -11.32
CA PRO A 613 14.72 30.35 -10.72
C PRO A 613 13.54 31.30 -10.80
N LYS A 614 12.50 30.98 -11.57
CA LYS A 614 11.32 31.85 -11.66
C LYS A 614 10.48 31.81 -10.40
N LEU A 615 10.59 30.75 -9.61
CA LEU A 615 9.84 30.60 -8.37
C LEU A 615 10.80 30.67 -7.19
N SER A 616 10.42 31.45 -6.17
CA SER A 616 11.22 31.60 -4.97
C SER A 616 10.43 31.43 -3.69
N PHE A 617 9.10 31.32 -3.77
CA PHE A 617 8.25 31.13 -2.60
C PHE A 617 7.96 29.66 -2.32
N LEU A 618 8.52 28.75 -3.10
CA LEU A 618 8.40 27.32 -2.85
C LEU A 618 9.56 26.86 -1.97
N LYS A 619 9.25 26.05 -0.97
CA LYS A 619 10.16 25.71 0.11
C LYS A 619 10.26 24.20 0.23
N PRO A 620 11.35 23.68 0.81
CA PRO A 620 11.53 22.22 0.95
C PRO A 620 10.45 21.55 1.80
N GLY A 621 9.66 20.69 1.14
CA GLY A 621 8.56 20.00 1.77
C GLY A 621 8.36 18.56 1.33
N ILE A 622 9.45 17.86 1.04
CA ILE A 622 9.36 16.48 0.56
C ILE A 622 8.87 15.58 1.69
N LEU A 623 7.81 14.82 1.42
CA LEU A 623 7.22 13.94 2.41
C LEU A 623 7.05 12.52 1.87
N ASP A 652 6.09 25.73 8.22
CA ASP A 652 7.42 26.09 7.72
C ASP A 652 7.70 25.51 6.34
N HIS A 653 6.75 24.74 5.82
CA HIS A 653 6.84 24.18 4.47
C HIS A 653 5.74 24.79 3.62
N ASN A 654 6.11 25.43 2.51
CA ASN A 654 5.13 26.10 1.66
C ASN A 654 4.39 25.10 0.77
N ILE A 655 5.09 24.10 0.25
CA ILE A 655 4.51 23.10 -0.64
C ILE A 655 4.97 21.72 -0.18
N LEU A 656 4.02 20.80 -0.06
CA LEU A 656 4.30 19.41 0.30
C LEU A 656 3.99 18.52 -0.89
N ILE A 657 4.97 17.76 -1.35
CA ILE A 657 4.79 16.82 -2.45
C ILE A 657 4.84 15.41 -1.90
N ALA A 658 3.79 14.64 -2.18
CA ALA A 658 3.69 13.27 -1.67
C ALA A 658 3.10 12.40 -2.78
N THR A 659 2.67 11.21 -2.40
CA THR A 659 1.99 10.32 -3.33
C THR A 659 0.64 9.86 -2.83
N SER A 660 0.52 9.60 -1.53
CA SER A 660 -0.76 9.19 -0.96
C SER A 660 -0.89 9.78 0.44
N VAL A 661 -2.14 9.87 0.89
CA VAL A 661 -2.43 10.37 2.23
C VAL A 661 -3.00 9.25 3.09
N ALA A 669 -4.67 19.14 8.69
CA ALA A 669 -3.86 19.90 7.75
C ALA A 669 -4.67 21.04 7.14
N GLN A 670 -3.97 22.05 6.62
CA GLN A 670 -4.66 23.19 6.01
C GLN A 670 -5.19 22.81 4.63
N CYS A 671 -4.29 22.50 3.70
CA CYS A 671 -4.59 22.04 2.33
C CYS A 671 -5.47 23.05 1.58
N ASN A 672 -4.92 24.25 1.38
CA ASN A 672 -5.64 25.29 0.66
C ASN A 672 -5.68 25.03 -0.84
N LEU A 673 -4.75 24.23 -1.35
CA LEU A 673 -4.68 23.95 -2.78
C LEU A 673 -4.14 22.56 -2.99
N VAL A 674 -4.80 21.78 -3.87
CA VAL A 674 -4.35 20.45 -4.23
C VAL A 674 -4.06 20.46 -5.73
N ILE A 675 -2.94 19.88 -6.13
CA ILE A 675 -2.55 19.74 -7.53
C ILE A 675 -2.20 18.29 -7.79
N LEU A 676 -2.84 17.69 -8.77
CA LEU A 676 -2.60 16.29 -9.14
C LEU A 676 -1.82 16.31 -10.46
N TYR A 677 -0.52 16.06 -10.37
CA TYR A 677 0.37 16.06 -11.52
C TYR A 677 0.42 14.64 -12.08
N GLU A 678 -0.38 14.40 -13.12
CA GLU A 678 -0.52 13.09 -13.80
C GLU A 678 -0.94 12.00 -12.83
N TYR A 679 -1.82 12.33 -11.88
CA TYR A 679 -2.27 11.43 -10.84
C TYR A 679 -3.79 11.39 -10.82
N VAL A 680 -4.34 10.25 -10.40
CA VAL A 680 -5.78 10.09 -10.28
C VAL A 680 -6.09 9.04 -9.23
N GLY A 693 -9.27 19.30 4.31
CA GLY A 693 -8.65 19.99 5.43
C GLY A 693 -9.44 21.19 5.92
N ARG A 694 -8.78 22.33 6.03
CA ARG A 694 -9.40 23.57 6.47
C ARG A 694 -9.34 24.58 5.32
N ALA A 695 -9.75 25.83 5.63
CA ALA A 695 -9.76 26.97 4.71
C ALA A 695 -10.60 26.67 3.47
N ARG A 696 -11.91 26.54 3.72
CA ARG A 696 -12.87 26.18 2.68
C ARG A 696 -12.91 27.22 1.57
N GLY A 697 -12.96 26.73 0.33
CA GLY A 697 -12.78 27.56 -0.84
C GLY A 697 -11.56 27.10 -1.62
N SER A 698 -11.21 25.82 -1.44
CA SER A 698 -10.01 25.26 -2.02
C SER A 698 -10.22 24.87 -3.48
N LYS A 699 -9.12 24.67 -4.19
CA LYS A 699 -9.13 24.23 -5.58
C LYS A 699 -8.30 22.96 -5.73
N CYS A 700 -8.67 22.15 -6.71
CA CYS A 700 -8.02 20.87 -7.00
C CYS A 700 -7.68 20.84 -8.48
N PHE A 701 -6.50 21.37 -8.83
CA PHE A 701 -6.03 21.32 -10.20
C PHE A 701 -5.62 19.90 -10.56
N LEU A 702 -5.79 19.55 -11.84
CA LEU A 702 -5.41 18.25 -12.35
C LEU A 702 -4.72 18.46 -13.68
N LEU A 703 -3.41 18.22 -13.73
CA LEU A 703 -2.61 18.43 -14.94
C LEU A 703 -2.29 17.08 -15.55
N THR A 704 -2.87 16.80 -16.71
CA THR A 704 -2.66 15.53 -17.39
C THR A 704 -2.45 15.77 -18.87
N SER A 705 -1.58 14.96 -19.47
CA SER A 705 -1.39 14.94 -20.91
C SER A 705 -2.33 13.95 -21.60
N ASN A 706 -3.23 13.32 -20.85
CA ASN A 706 -4.20 12.38 -21.39
C ASN A 706 -5.59 12.78 -20.93
N ALA A 707 -6.58 12.65 -21.82
CA ALA A 707 -7.96 12.97 -21.50
C ALA A 707 -8.67 11.85 -20.75
N GLY A 708 -8.04 10.68 -20.65
CA GLY A 708 -8.65 9.58 -19.93
C GLY A 708 -8.77 9.85 -18.44
N VAL A 709 -7.79 10.55 -17.87
CA VAL A 709 -7.85 10.94 -16.47
C VAL A 709 -8.96 11.97 -16.24
N ILE A 710 -9.16 12.88 -17.21
CA ILE A 710 -10.24 13.86 -17.12
C ILE A 710 -11.60 13.18 -17.19
N GLU A 711 -11.76 12.20 -18.09
CA GLU A 711 -13.02 11.46 -18.16
C GLU A 711 -13.23 10.57 -16.94
N LYS A 712 -12.13 10.07 -16.34
CA LYS A 712 -12.23 9.30 -15.11
C LYS A 712 -12.67 10.16 -13.94
N GLU A 713 -12.20 11.41 -13.89
CA GLU A 713 -12.64 12.30 -12.82
C GLU A 713 -14.08 12.78 -13.05
N GLN A 714 -14.49 12.95 -14.30
CA GLN A 714 -15.89 13.27 -14.60
C GLN A 714 -16.83 12.15 -14.18
N ILE A 715 -16.49 10.91 -14.52
CA ILE A 715 -17.33 9.80 -14.07
C ILE A 715 -17.17 9.55 -12.57
N ASN A 716 -16.08 10.01 -11.96
CA ASN A 716 -15.98 9.98 -10.50
C ASN A 716 -16.97 10.93 -9.84
N MET A 717 -17.12 12.15 -10.40
CA MET A 717 -18.13 13.08 -9.89
C MET A 717 -19.54 12.56 -10.11
N TYR A 718 -19.79 11.95 -11.28
CA TYR A 718 -21.08 11.30 -11.54
C TYR A 718 -21.32 10.15 -10.57
N LYS A 719 -20.27 9.39 -10.24
CA LYS A 719 -20.41 8.28 -9.30
C LYS A 719 -20.68 8.77 -7.89
N GLU A 720 -20.11 9.92 -7.51
CA GLU A 720 -20.40 10.51 -6.20
C GLU A 720 -21.85 10.97 -6.10
N LYS A 721 -22.35 11.64 -7.15
CA LYS A 721 -23.76 12.06 -7.18
C LYS A 721 -24.70 10.85 -7.15
N MET A 722 -24.36 9.82 -7.92
CA MET A 722 -25.14 8.61 -8.00
C MET A 722 -25.08 7.80 -6.71
N MET A 723 -23.98 7.88 -5.96
CA MET A 723 -23.87 7.22 -4.67
C MET A 723 -24.73 7.92 -3.64
N ASN A 724 -24.76 9.26 -3.65
CA ASN A 724 -25.65 9.99 -2.74
C ASN A 724 -27.12 9.72 -3.06
N ASP A 725 -27.44 9.61 -4.35
CA ASP A 725 -28.82 9.26 -4.74
C ASP A 725 -29.19 7.86 -4.28
N SER A 726 -28.27 6.89 -4.41
CA SER A 726 -28.54 5.54 -3.94
C SER A 726 -28.61 5.46 -2.42
N ILE A 727 -27.86 6.32 -1.72
CA ILE A 727 -27.95 6.39 -0.26
C ILE A 727 -29.34 6.88 0.17
N LEU A 728 -29.85 7.91 -0.51
CA LEU A 728 -31.20 8.38 -0.22
C LEU A 728 -32.26 7.34 -0.59
N ARG A 729 -32.04 6.60 -1.68
CA ARG A 729 -32.97 5.54 -2.08
C ARG A 729 -32.99 4.41 -1.06
N LEU A 730 -31.83 4.04 -0.50
CA LEU A 730 -31.79 3.00 0.52
C LEU A 730 -32.34 3.48 1.85
N GLN A 731 -32.21 4.77 2.14
CA GLN A 731 -32.84 5.32 3.34
C GLN A 731 -34.35 5.37 3.21
N THR A 732 -34.87 5.51 1.98
CA THR A 732 -36.31 5.55 1.78
C THR A 732 -36.95 4.18 1.97
N TRP A 733 -36.16 3.10 1.88
CA TRP A 733 -36.68 1.75 1.96
C TRP A 733 -37.14 1.40 3.37
N ASP A 734 -37.93 0.34 3.47
CA ASP A 734 -38.40 -0.17 4.76
C ASP A 734 -37.32 -1.03 5.41
N GLU A 735 -37.45 -1.18 6.74
CA GLU A 735 -36.39 -1.84 7.51
C GLU A 735 -36.41 -3.35 7.32
N ALA A 736 -37.59 -3.97 7.30
CA ALA A 736 -37.67 -5.43 7.29
C ALA A 736 -37.24 -6.01 5.95
N VAL A 737 -37.60 -5.34 4.85
CA VAL A 737 -37.18 -5.79 3.53
C VAL A 737 -35.67 -5.65 3.37
N PHE A 738 -35.10 -4.58 3.94
CA PHE A 738 -33.65 -4.40 3.93
C PHE A 738 -32.95 -5.46 4.77
N ARG A 739 -33.54 -5.83 5.92
CA ARG A 739 -32.97 -6.88 6.75
C ARG A 739 -33.00 -8.23 6.04
N GLU A 740 -34.09 -8.54 5.34
CA GLU A 740 -34.16 -9.78 4.57
C GLU A 740 -33.17 -9.75 3.41
N LYS A 741 -32.99 -8.59 2.78
CA LYS A 741 -32.05 -8.45 1.68
C LYS A 741 -30.61 -8.66 2.14
N ILE A 742 -30.21 -8.02 3.26
CA ILE A 742 -28.85 -8.19 3.74
C ILE A 742 -28.63 -9.59 4.30
N LEU A 743 -29.67 -10.23 4.83
CA LEU A 743 -29.55 -11.63 5.25
C LEU A 743 -29.32 -12.54 4.06
N HIS A 744 -30.04 -12.32 2.96
CA HIS A 744 -29.83 -13.11 1.74
C HIS A 744 -28.44 -12.88 1.15
N ILE A 745 -28.00 -11.62 1.10
CA ILE A 745 -26.70 -11.30 0.50
C ILE A 745 -25.56 -11.86 1.35
N GLN A 746 -25.64 -11.71 2.68
CA GLN A 746 -24.57 -12.25 3.52
C GLN A 746 -24.62 -13.76 3.64
N THR A 747 -25.79 -14.39 3.47
CA THR A 747 -25.84 -15.85 3.42
C THR A 747 -25.21 -16.37 2.13
N HIS A 748 -25.48 -15.70 1.01
CA HIS A 748 -24.82 -16.06 -0.24
C HIS A 748 -23.31 -15.81 -0.18
N GLU A 749 -22.91 -14.73 0.50
CA GLU A 749 -21.49 -14.42 0.68
C GLU A 749 -20.81 -15.47 1.54
N LYS A 750 -21.46 -15.92 2.62
CA LYS A 750 -20.89 -16.96 3.47
C LYS A 750 -20.81 -18.30 2.74
N PHE A 751 -21.83 -18.61 1.92
CA PHE A 751 -21.80 -19.85 1.15
C PHE A 751 -20.70 -19.83 0.10
N ILE A 752 -20.53 -18.71 -0.62
CA ILE A 752 -19.45 -18.63 -1.61
C ILE A 752 -18.09 -18.46 -0.95
N ARG A 753 -18.04 -18.03 0.32
CA ARG A 753 -16.79 -18.03 1.08
C ARG A 753 -16.39 -19.45 1.48
N ASP A 754 -17.35 -20.24 1.95
CA ASP A 754 -17.06 -21.64 2.26
C ASP A 754 -16.85 -22.48 1.00
N SER A 755 -17.30 -21.98 -0.15
CA SER A 755 -16.98 -22.63 -1.42
C SER A 755 -15.49 -22.50 -1.75
N GLN A 756 -14.91 -21.33 -1.52
CA GLN A 756 -13.49 -21.11 -1.83
C GLN A 756 -12.59 -21.44 -0.65
N GLU A 757 -12.79 -22.62 -0.07
CA GLU A 757 -11.95 -23.13 1.01
C GLU A 757 -11.12 -24.26 0.40
N LYS A 758 -9.97 -23.89 -0.18
CA LYS A 758 -9.07 -24.86 -0.76
C LYS A 758 -8.44 -25.71 0.32
N PRO A 759 -8.21 -27.01 0.05
CA PRO A 759 -7.62 -27.88 1.07
C PRO A 759 -6.13 -27.64 1.26
N LYS A 760 -5.51 -28.43 2.11
CA LYS A 760 -4.08 -28.31 2.35
C LYS A 760 -3.30 -28.84 1.17
N PRO A 761 -2.44 -28.04 0.53
CA PRO A 761 -1.57 -28.57 -0.51
C PRO A 761 -0.52 -29.51 0.09
N VAL A 762 -0.07 -30.45 -0.71
CA VAL A 762 0.92 -31.43 -0.26
C VAL A 762 2.31 -30.81 -0.34
N PRO A 763 3.17 -31.13 0.62
CA PRO A 763 4.56 -30.65 0.60
C PRO A 763 5.38 -31.54 -0.34
N ASP A 764 6.14 -30.93 -1.24
CA ASP A 764 6.94 -31.64 -2.22
C ASP A 764 8.12 -32.29 -1.50
N LYS A 765 8.37 -33.57 -1.80
CA LYS A 765 9.32 -34.35 -1.02
C LYS A 765 10.77 -34.09 -1.38
N GLU A 766 11.04 -33.44 -2.52
CA GLU A 766 12.43 -33.20 -2.90
C GLU A 766 13.02 -32.05 -2.11
N ASN A 767 14.33 -32.13 -1.88
CA ASN A 767 15.07 -31.10 -1.14
C ASN A 767 15.59 -30.07 -2.14
N LYS A 768 14.74 -29.11 -2.45
CA LYS A 768 15.06 -28.13 -3.48
C LYS A 768 16.11 -27.14 -3.00
N LYS A 769 16.84 -26.58 -3.97
CA LYS A 769 17.97 -25.69 -3.76
C LYS A 769 17.60 -24.28 -4.21
N LEU A 770 18.06 -23.29 -3.45
CA LEU A 770 17.71 -21.90 -3.71
C LEU A 770 18.91 -21.18 -4.30
N LEU A 771 18.68 -20.50 -5.43
CA LEU A 771 19.71 -19.71 -6.09
C LEU A 771 19.37 -18.23 -6.04
N CYS A 772 20.39 -17.42 -6.24
CA CYS A 772 20.24 -15.98 -6.35
C CYS A 772 19.42 -15.61 -7.58
N ARG A 773 18.79 -14.44 -7.51
CA ARG A 773 18.06 -13.92 -8.67
C ARG A 773 19.01 -13.45 -9.76
N LYS A 774 20.03 -12.67 -9.38
CA LYS A 774 20.92 -12.08 -10.36
C LYS A 774 22.25 -12.81 -10.51
N CYS A 775 22.54 -13.77 -9.62
CA CYS A 775 23.89 -14.29 -9.46
C CYS A 775 23.96 -15.80 -9.66
N LYS A 776 22.87 -16.50 -9.35
CA LYS A 776 22.71 -17.95 -9.52
C LYS A 776 23.79 -18.73 -8.76
N ALA A 777 23.87 -18.50 -7.45
CA ALA A 777 24.83 -19.17 -6.59
C ALA A 777 24.10 -20.10 -5.63
N LEU A 778 24.79 -21.17 -5.22
CA LEU A 778 24.26 -22.09 -4.21
C LEU A 778 24.14 -21.37 -2.87
N ALA A 779 22.91 -21.12 -2.44
CA ALA A 779 22.68 -20.51 -1.13
C ALA A 779 22.38 -21.57 -0.07
N CYS A 780 21.29 -22.31 -0.24
CA CYS A 780 20.83 -23.25 0.77
C CYS A 780 19.84 -24.23 0.14
N TYR A 781 19.76 -25.41 0.75
CA TYR A 781 18.73 -26.38 0.39
C TYR A 781 17.47 -26.15 1.23
N THR A 782 16.36 -26.72 0.78
CA THR A 782 15.11 -26.55 1.50
C THR A 782 15.00 -27.41 2.75
N ALA A 783 15.89 -28.39 2.92
CA ALA A 783 15.92 -29.13 4.18
C ALA A 783 16.40 -28.26 5.33
N ASP A 784 17.24 -27.28 5.05
CA ASP A 784 17.71 -26.34 6.06
C ASP A 784 16.81 -25.13 6.21
N VAL A 785 15.74 -25.04 5.42
CA VAL A 785 14.82 -23.91 5.50
C VAL A 785 13.75 -24.24 6.54
N ARG A 786 13.73 -23.49 7.63
CA ARG A 786 12.77 -23.65 8.70
C ARG A 786 11.86 -22.43 8.75
N VAL A 787 10.56 -22.67 8.86
CA VAL A 787 9.58 -21.59 8.98
C VAL A 787 9.26 -21.39 10.45
N ILE A 788 9.28 -20.14 10.91
CA ILE A 788 9.28 -19.85 12.34
C ILE A 788 7.86 -19.74 12.88
N GLU A 789 7.10 -18.77 12.41
CA GLU A 789 5.76 -18.48 12.93
C GLU A 789 4.71 -18.60 11.83
N GLU A 790 4.88 -19.61 10.97
CA GLU A 790 4.07 -19.93 9.79
C GLU A 790 4.08 -18.84 8.71
N CYS A 791 4.87 -17.78 8.90
CA CYS A 791 5.06 -16.74 7.91
C CYS A 791 6.51 -16.55 7.51
N HIS A 792 7.41 -16.45 8.48
CA HIS A 792 8.80 -16.08 8.23
C HIS A 792 9.68 -17.32 8.12
N TYR A 793 10.61 -17.29 7.18
CA TYR A 793 11.44 -18.44 6.84
C TYR A 793 12.91 -18.08 7.05
N THR A 794 13.70 -19.04 7.51
CA THR A 794 15.11 -18.82 7.77
C THR A 794 15.90 -20.09 7.51
N VAL A 795 17.23 -19.98 7.57
CA VAL A 795 18.15 -21.09 7.34
C VAL A 795 19.05 -21.25 8.56
N LEU A 796 19.12 -22.46 9.10
CA LEU A 796 20.01 -22.77 10.21
C LEU A 796 21.33 -23.40 9.78
N GLY A 797 21.62 -23.44 8.49
CA GLY A 797 22.81 -24.13 8.02
C GLY A 797 24.09 -23.39 8.37
N ASP A 798 25.11 -24.16 8.76
CA ASP A 798 26.42 -23.60 9.05
C ASP A 798 27.14 -23.16 7.79
N ALA A 799 26.90 -23.86 6.67
CA ALA A 799 27.50 -23.47 5.40
C ALA A 799 26.85 -22.22 4.82
N PHE A 800 25.64 -21.90 5.27
CA PHE A 800 24.97 -20.68 4.83
C PHE A 800 25.56 -19.42 5.45
N LYS A 801 26.26 -19.55 6.57
CA LYS A 801 26.74 -18.39 7.32
C LYS A 801 27.81 -17.61 6.56
N GLU A 802 28.67 -18.31 5.83
CA GLU A 802 29.70 -17.66 5.02
C GLU A 802 29.22 -17.32 3.62
N CYS A 803 28.00 -17.70 3.27
CA CYS A 803 27.47 -17.45 1.92
C CYS A 803 26.78 -16.10 1.80
N PHE A 804 26.65 -15.35 2.89
CA PHE A 804 26.05 -14.03 2.86
C PHE A 804 26.96 -13.04 3.59
N VAL A 805 26.68 -11.76 3.39
CA VAL A 805 27.35 -10.68 4.08
C VAL A 805 26.29 -9.75 4.65
N SER A 806 26.72 -8.84 5.52
CA SER A 806 25.82 -7.95 6.22
C SER A 806 26.00 -6.52 5.76
N ARG A 807 24.95 -5.70 5.99
CA ARG A 807 24.97 -4.29 5.71
C ARG A 807 24.03 -3.65 6.71
N PRO A 808 24.30 -2.44 7.21
CA PRO A 808 23.46 -1.88 8.28
C PRO A 808 22.09 -1.46 7.76
N HIS A 809 21.05 -1.83 8.51
CA HIS A 809 19.68 -1.52 8.13
C HIS A 809 19.42 -0.02 8.30
N PRO A 810 18.81 0.64 7.31
CA PRO A 810 18.50 2.06 7.46
C PRO A 810 17.42 2.34 8.49
N LYS A 811 16.34 1.56 8.52
CA LYS A 811 15.26 1.75 9.48
C LYS A 811 14.91 0.44 10.16
N PRO A 812 15.63 0.04 11.22
CA PRO A 812 15.20 -1.12 12.01
C PRO A 812 13.94 -0.81 12.80
N LYS A 813 13.08 -1.81 12.96
CA LYS A 813 11.80 -1.64 13.63
C LYS A 813 11.33 -3.02 14.09
N GLN A 814 11.01 -3.16 15.37
CA GLN A 814 10.65 -4.47 15.91
C GLN A 814 9.24 -4.90 15.46
N PHE A 815 9.17 -5.75 14.44
CA PHE A 815 7.91 -6.31 14.00
C PHE A 815 7.62 -7.59 14.75
N SER A 816 6.38 -7.72 15.23
CA SER A 816 5.87 -8.87 16.00
C SER A 816 6.73 -9.17 17.22
N SER A 817 7.37 -10.34 17.23
CA SER A 817 8.34 -10.68 18.26
C SER A 817 9.77 -10.67 17.75
N PHE A 818 9.99 -10.27 16.51
CA PHE A 818 11.31 -10.20 15.90
C PHE A 818 11.90 -8.81 16.08
N GLU A 819 13.23 -8.73 15.95
CA GLU A 819 13.95 -7.46 15.99
C GLU A 819 14.95 -7.40 14.84
N LYS A 820 14.76 -6.44 13.94
CA LYS A 820 15.68 -6.24 12.83
C LYS A 820 17.03 -5.73 13.33
N ARG A 821 18.10 -6.24 12.73
CA ARG A 821 19.43 -5.71 13.01
C ARG A 821 20.14 -5.20 11.77
N ALA A 822 20.04 -5.92 10.65
CA ALA A 822 20.82 -5.61 9.47
C ALA A 822 20.16 -6.23 8.26
N LYS A 823 20.55 -5.77 7.08
CA LYS A 823 20.11 -6.36 5.84
C LYS A 823 21.21 -7.25 5.28
N ILE A 824 20.85 -8.46 4.88
CA ILE A 824 21.82 -9.42 4.37
C ILE A 824 21.89 -9.32 2.85
N PHE A 825 23.05 -9.65 2.31
CA PHE A 825 23.30 -9.59 0.87
C PHE A 825 24.11 -10.80 0.48
N CYS A 826 24.16 -11.07 -0.83
CA CYS A 826 24.96 -12.19 -1.33
C CYS A 826 26.45 -11.90 -1.20
N ALA A 827 27.21 -12.92 -0.86
CA ALA A 827 28.65 -12.81 -0.63
C ALA A 827 29.36 -13.43 -1.83
N ARG A 828 29.69 -12.59 -2.81
CA ARG A 828 30.51 -12.99 -3.93
C ARG A 828 31.31 -11.78 -4.40
N GLN A 829 31.86 -11.87 -5.60
CA GLN A 829 32.74 -10.81 -6.10
C GLN A 829 31.96 -9.56 -6.48
N ASN A 830 31.01 -9.68 -7.41
CA ASN A 830 30.28 -8.52 -7.90
C ASN A 830 28.77 -8.76 -7.95
N CYS A 831 28.23 -9.58 -7.04
CA CYS A 831 26.79 -9.86 -7.06
C CYS A 831 26.05 -8.81 -6.25
N SER A 832 26.29 -8.78 -4.93
CA SER A 832 25.72 -7.81 -3.99
C SER A 832 24.19 -7.75 -4.03
N HIS A 833 23.55 -8.88 -4.32
CA HIS A 833 22.09 -8.92 -4.42
C HIS A 833 21.48 -9.04 -3.03
N ASP A 834 20.32 -8.40 -2.85
CA ASP A 834 19.57 -8.54 -1.61
C ASP A 834 19.09 -9.98 -1.45
N TRP A 835 19.15 -10.47 -0.21
CA TRP A 835 18.74 -11.83 0.11
C TRP A 835 17.63 -11.91 1.14
N GLY A 836 17.61 -10.99 2.11
CA GLY A 836 16.67 -11.06 3.20
C GLY A 836 16.99 -9.99 4.23
N ILE A 837 17.03 -10.37 5.51
CA ILE A 837 17.26 -9.43 6.59
C ILE A 837 17.81 -10.18 7.79
N HIS A 838 18.86 -9.64 8.40
CA HIS A 838 19.39 -10.15 9.65
C HIS A 838 18.46 -9.78 10.80
N VAL A 839 18.08 -10.77 11.59
CA VAL A 839 17.06 -10.60 12.61
C VAL A 839 17.53 -11.30 13.88
N LYS A 840 16.96 -10.91 15.02
CA LYS A 840 17.03 -11.70 16.23
C LYS A 840 15.62 -12.02 16.69
N TYR A 841 15.38 -13.31 16.97
CA TYR A 841 14.05 -13.77 17.35
C TYR A 841 13.82 -13.54 18.84
N LYS A 842 14.58 -14.24 19.68
CA LYS A 842 14.64 -13.95 21.12
C LYS A 842 16.06 -13.65 21.57
N THR A 843 17.00 -14.56 21.31
CA THR A 843 18.41 -14.33 21.57
C THR A 843 19.32 -14.78 20.45
N PHE A 844 18.83 -15.58 19.50
CA PHE A 844 19.66 -16.10 18.42
C PHE A 844 19.83 -15.03 17.34
N GLU A 845 20.81 -15.20 16.46
CA GLU A 845 20.92 -14.36 15.27
C GLU A 845 20.88 -15.23 14.02
N ILE A 846 19.68 -15.56 13.57
CA ILE A 846 19.48 -16.44 12.42
C ILE A 846 18.79 -15.63 11.33
N PRO A 847 19.48 -15.31 10.21
CA PRO A 847 18.92 -14.43 9.17
C PRO A 847 17.66 -14.96 8.49
N VAL A 848 16.63 -14.12 8.35
CA VAL A 848 15.42 -14.56 7.66
C VAL A 848 15.46 -14.10 6.21
N ILE A 849 15.18 -15.03 5.30
CA ILE A 849 15.27 -14.76 3.88
C ILE A 849 13.87 -14.52 3.32
N LYS A 850 13.82 -14.02 2.09
CA LYS A 850 12.57 -13.86 1.36
C LYS A 850 12.68 -14.61 0.03
N ILE A 851 11.60 -15.28 -0.35
CA ILE A 851 11.57 -16.01 -1.60
C ILE A 851 11.45 -15.07 -2.79
N GLU A 852 11.13 -13.80 -2.54
CA GLU A 852 11.05 -12.79 -3.58
C GLU A 852 12.40 -12.59 -4.27
N SER A 853 13.49 -12.53 -3.50
CA SER A 853 14.82 -12.45 -4.08
C SER A 853 15.53 -13.81 -4.06
N PHE A 854 14.87 -14.83 -4.60
CA PHE A 854 15.44 -16.16 -4.77
C PHE A 854 14.71 -16.87 -5.91
N VAL A 855 15.33 -17.94 -6.40
CA VAL A 855 14.69 -18.85 -7.34
C VAL A 855 14.86 -20.28 -6.83
N VAL A 856 13.89 -21.13 -7.11
CA VAL A 856 13.84 -22.49 -6.58
C VAL A 856 14.15 -23.48 -7.70
N GLU A 857 15.11 -24.38 -7.45
CA GLU A 857 15.50 -25.40 -8.41
C GLU A 857 15.37 -26.76 -7.75
N ASP A 858 14.76 -27.72 -8.46
CA ASP A 858 14.69 -29.08 -7.96
C ASP A 858 15.95 -29.85 -8.33
N ILE A 859 16.18 -30.95 -7.60
CA ILE A 859 17.38 -31.75 -7.85
C ILE A 859 17.17 -32.74 -8.98
N ALA A 860 16.02 -33.41 -9.01
CA ALA A 860 15.78 -34.45 -10.02
C ALA A 860 15.45 -33.84 -11.38
N THR A 861 14.39 -33.04 -11.45
CA THR A 861 13.98 -32.45 -12.72
C THR A 861 14.89 -31.32 -13.15
N GLY A 862 15.36 -30.52 -12.20
CA GLY A 862 16.24 -29.40 -12.53
C GLY A 862 15.55 -28.15 -13.01
N VAL A 863 14.22 -28.09 -12.94
CA VAL A 863 13.48 -26.92 -13.40
C VAL A 863 13.62 -25.80 -12.37
N GLN A 864 13.78 -24.57 -12.85
CA GLN A 864 13.89 -23.40 -11.99
C GLN A 864 12.56 -22.67 -11.94
N THR A 865 12.07 -22.43 -10.73
CA THR A 865 10.74 -21.86 -10.50
C THR A 865 10.88 -20.48 -9.89
N LEU A 866 10.01 -19.56 -10.31
CA LEU A 866 10.02 -18.18 -9.86
C LEU A 866 8.80 -17.93 -8.98
N TYR A 867 9.04 -17.45 -7.76
CA TYR A 867 7.97 -17.18 -6.81
C TYR A 867 8.16 -15.80 -6.20
N SER A 868 7.03 -15.21 -5.78
CA SER A 868 7.02 -13.88 -5.19
C SER A 868 6.59 -13.86 -3.73
N LYS A 869 5.78 -14.82 -3.31
CA LYS A 869 5.36 -14.94 -1.92
C LYS A 869 5.57 -16.37 -1.46
N TRP A 870 5.80 -16.54 -0.15
CA TRP A 870 6.08 -17.86 0.40
C TRP A 870 4.88 -18.79 0.34
N LYS A 871 3.66 -18.25 0.32
CA LYS A 871 2.47 -19.09 0.25
C LYS A 871 2.33 -19.77 -1.09
N ASP A 872 2.82 -19.16 -2.17
CA ASP A 872 2.83 -19.81 -3.46
C ASP A 872 3.87 -20.92 -3.52
N PHE A 873 4.89 -20.88 -2.66
CA PHE A 873 5.87 -21.95 -2.56
C PHE A 873 5.29 -23.07 -1.70
N HIS A 874 5.14 -24.25 -2.28
CA HIS A 874 4.60 -25.41 -1.59
C HIS A 874 5.70 -26.47 -1.48
N PHE A 875 6.17 -26.68 -0.26
CA PHE A 875 7.25 -27.63 -0.01
C PHE A 875 7.14 -28.08 1.44
N GLU A 876 8.10 -28.91 1.87
CA GLU A 876 8.10 -29.42 3.24
C GLU A 876 8.48 -28.30 4.21
N LYS A 877 7.46 -27.64 4.77
CA LYS A 877 7.67 -26.52 5.70
C LYS A 877 7.91 -27.10 7.09
N ILE A 878 9.16 -27.46 7.37
CA ILE A 878 9.53 -27.93 8.71
C ILE A 878 9.56 -26.74 9.67
N PRO A 879 8.86 -26.79 10.79
CA PRO A 879 8.89 -25.66 11.73
C PRO A 879 10.25 -25.51 12.40
N PHE A 880 10.55 -24.27 12.79
CA PHE A 880 11.83 -23.94 13.39
C PHE A 880 11.85 -24.39 14.85
N ASP A 881 12.75 -25.33 15.16
CA ASP A 881 12.88 -25.86 16.50
C ASP A 881 14.06 -25.18 17.19
N PRO A 882 13.87 -24.52 18.33
CA PRO A 882 15.01 -23.89 19.03
C PRO A 882 15.97 -24.88 19.67
N ALA A 883 15.61 -26.16 19.78
CA ALA A 883 16.49 -27.15 20.38
C ALA A 883 17.66 -27.53 19.47
N GLU A 884 17.54 -27.28 18.16
CA GLU A 884 18.63 -27.61 17.25
C GLU A 884 19.77 -26.60 17.35
N MET A 885 19.48 -25.33 17.06
CA MET A 885 20.48 -24.28 17.12
C MET A 885 19.92 -23.03 17.80
PG GTP B 1 12.28 -3.12 3.67
O1G GTP B 1 12.23 -2.30 4.93
O2G GTP B 1 12.61 -2.23 2.50
O3G GTP B 1 10.94 -3.79 3.46
O3B GTP B 1 13.42 -4.24 3.84
PB GTP B 1 13.19 -5.50 4.81
O1B GTP B 1 12.38 -5.05 6.00
O2B GTP B 1 14.49 -6.11 5.24
O3A GTP B 1 12.30 -6.51 3.93
PA GTP B 1 12.95 -7.48 2.82
O1A GTP B 1 12.16 -7.38 1.54
O2A GTP B 1 14.40 -7.14 2.56
O5' GTP B 1 12.80 -8.96 3.42
C5' GTP B 1 11.55 -9.60 3.29
C4' GTP B 1 11.35 -10.67 4.35
O4' GTP B 1 11.73 -10.16 5.61
C3' GTP B 1 9.89 -11.07 4.45
O3' GTP B 1 9.62 -12.28 3.76
C2' GTP B 1 9.67 -11.22 5.93
O2' GTP B 1 9.89 -12.56 6.29
C1' GTP B 1 10.71 -10.34 6.57
N9 GTP B 1 10.19 -8.98 6.84
C8 GTP B 1 10.82 -7.84 6.44
N7 GTP B 1 10.10 -6.77 6.84
C5 GTP B 1 9.01 -7.21 7.51
C6 GTP B 1 7.98 -6.53 8.12
O6 GTP B 1 7.94 -5.30 8.09
N1 GTP B 1 6.97 -7.24 8.74
C2 GTP B 1 7.02 -8.63 8.75
N2 GTP B 1 6.05 -9.31 9.35
N3 GTP B 1 8.06 -9.29 8.14
C4 GTP B 1 9.05 -8.60 7.52
ZN ZN C . 24.58 -13.85 -5.61
#